data_7JYI
#
_entry.id   7JYI
#
_cell.length_a   1.00
_cell.length_b   1.00
_cell.length_c   1.00
_cell.angle_alpha   90.00
_cell.angle_beta   90.00
_cell.angle_gamma   90.00
#
_symmetry.space_group_name_H-M   'P 1'
#
loop_
_entity.id
_entity.type
_entity.pdbx_description
1 polymer 'E Glycoprotein'
2 polymer 'M protein'
#
loop_
_entity_poly.entity_id
_entity_poly.type
_entity_poly.pdbx_seq_one_letter_code
_entity_poly.pdbx_strand_id
1 'polypeptide(L)'
;IRCIGVSNRDFVEGMSGGTWVDVVLEHGGCVTVMAQDKPTVDIELVTTTVSNMAEVRSYCYEASISDMASDSRCPTQGEA
YLDKQSDTQYVCKRTLVDRGWGNGCGLFGKGSLVTCAKFACSKKMTGKSIQPENLEYRIMLSVHGSQHSGMIVNDTGYET
DENRAKVEVTPNSPRAEATLGGFGSLGLDCEPRTGLDFSDLYYLTMNNKHWLVHKEWFHDIPLPWHAGADTGTPHWNNKE
ALVEFKDAHAKRQTVVVLGSQEGAVHTALAGALEAEMDGAKGKLFSGHLKCRLKMDKLRLKGVSYSLCTAAFTFTKIPAE
TLHGTVTVEVQYAGTDGPCKIPVQMAVDMQTLTPVGRLITANPVITESTENSKMMLELDPPFGDSYIVIGVGDKKITHHW
HRSGSTIGKAFEATVRGAKRMAVLGDTAWDFGSVGGVFNSLGKGIHQIFGAAFKSLFGGMSWFSQILIGTLLVWLGLNTK
NGSISLTCLALGGVMIFLSTA
;
C,E
2 'polypeptide(L)' AVTLPSHSTRKLQTRSQTWLESREYTKHLIKVENWIFRNPGFTLVAVAIAWLLGSSTSQKVIYLVMILLIAPAYS D,F
#
# COMPACT_ATOMS: atom_id res chain seq x y z
N ILE A 1 5.23 23.65 40.81
CA ILE A 1 6.44 22.86 40.68
C ILE A 1 6.14 21.57 39.96
N ARG A 2 6.96 21.25 38.96
CA ARG A 2 6.92 20.04 38.15
C ARG A 2 5.75 20.07 37.18
N CYS A 3 4.82 21.01 37.35
CA CYS A 3 3.64 21.06 36.51
C CYS A 3 3.26 22.48 36.15
N ILE A 4 4.16 23.44 36.31
CA ILE A 4 3.81 24.84 36.19
C ILE A 4 3.98 25.35 34.76
N GLY A 5 4.83 24.70 33.98
CA GLY A 5 5.01 25.10 32.60
C GLY A 5 4.33 24.22 31.59
N VAL A 6 3.72 23.12 32.05
CA VAL A 6 3.08 22.17 31.15
C VAL A 6 1.89 22.84 30.47
N SER A 7 1.71 22.56 29.19
CA SER A 7 0.64 23.16 28.41
C SER A 7 -0.68 22.43 28.55
N ASN A 8 -0.70 21.28 29.24
CA ASN A 8 -1.90 20.49 29.40
C ASN A 8 -2.18 20.21 30.87
N ARG A 9 -2.12 21.24 31.70
CA ARG A 9 -2.38 21.09 33.12
C ARG A 9 -3.86 21.27 33.40
N ASP A 10 -4.38 20.46 34.33
CA ASP A 10 -5.76 20.56 34.77
C ASP A 10 -5.78 20.76 36.27
N PHE A 11 -6.62 21.67 36.74
CA PHE A 11 -6.79 21.95 38.17
C PHE A 11 -7.99 21.17 38.68
N VAL A 12 -7.77 20.30 39.66
CA VAL A 12 -8.84 19.56 40.31
C VAL A 12 -8.99 20.12 41.71
N GLU A 13 -10.06 20.85 41.95
CA GLU A 13 -10.30 21.49 43.22
C GLU A 13 -11.59 20.97 43.82
N GLY A 14 -11.58 20.74 45.12
CA GLY A 14 -12.77 20.29 45.81
C GLY A 14 -12.84 18.80 45.98
N MET A 15 -13.22 18.35 47.18
CA MET A 15 -13.32 16.95 47.50
C MET A 15 -14.62 16.70 48.25
N SER A 16 -14.77 15.47 48.75
CA SER A 16 -15.96 15.08 49.53
C SER A 16 -15.67 15.35 51.01
N GLY A 17 -15.78 16.63 51.38
CA GLY A 17 -15.53 17.03 52.76
C GLY A 17 -14.11 16.87 53.23
N GLY A 18 -13.16 16.75 52.31
CA GLY A 18 -11.77 16.53 52.67
C GLY A 18 -11.31 15.10 52.60
N THR A 19 -12.10 14.21 52.02
CA THR A 19 -11.78 12.78 52.05
C THR A 19 -10.92 12.37 50.86
N TRP A 20 -11.43 12.55 49.64
CA TRP A 20 -10.72 12.08 48.47
C TRP A 20 -11.30 12.73 47.22
N VAL A 21 -10.59 12.57 46.11
CA VAL A 21 -11.05 13.03 44.81
C VAL A 21 -10.46 12.10 43.75
N ASP A 22 -11.25 11.82 42.72
CA ASP A 22 -10.83 10.96 41.63
C ASP A 22 -10.12 11.79 40.58
N VAL A 23 -9.03 11.26 40.03
CA VAL A 23 -8.30 11.91 38.96
C VAL A 23 -7.93 10.85 37.93
N VAL A 24 -7.70 11.30 36.70
CA VAL A 24 -7.30 10.42 35.61
C VAL A 24 -5.98 10.96 35.07
N LEU A 25 -4.88 10.36 35.51
CA LEU A 25 -3.56 10.81 35.12
C LEU A 25 -3.25 10.33 33.71
N GLU A 26 -2.93 11.26 32.82
CA GLU A 26 -2.55 10.91 31.47
C GLU A 26 -1.07 11.19 31.25
N HIS A 27 -0.52 10.59 30.21
CA HIS A 27 0.87 10.83 29.83
C HIS A 27 0.94 12.16 29.08
N GLY A 28 1.66 13.10 29.68
CA GLY A 28 1.84 14.39 29.04
C GLY A 28 0.99 15.45 29.69
N GLY A 29 0.03 15.03 30.49
CA GLY A 29 -0.84 15.94 31.21
C GLY A 29 -0.61 15.88 32.70
N CYS A 30 -0.54 17.06 33.30
CA CYS A 30 -0.34 17.18 34.72
C CYS A 30 -1.66 17.47 35.42
N VAL A 31 -1.70 17.22 36.72
CA VAL A 31 -2.88 17.45 37.54
C VAL A 31 -2.44 18.20 38.77
N THR A 32 -3.10 19.32 39.05
CA THR A 32 -2.82 20.12 40.24
C THR A 32 -4.04 20.00 41.16
N VAL A 33 -3.86 19.32 42.28
CA VAL A 33 -4.95 19.01 43.18
C VAL A 33 -4.88 19.95 44.37
N MET A 34 -5.65 21.01 44.33
CA MET A 34 -5.71 21.97 45.42
C MET A 34 -6.93 21.66 46.28
N ALA A 35 -6.73 21.54 47.58
CA ALA A 35 -7.77 21.19 48.51
C ALA A 35 -8.17 22.42 49.32
N GLN A 36 -9.05 22.20 50.30
CA GLN A 36 -9.57 23.31 51.10
C GLN A 36 -8.49 23.88 52.01
N ASP A 37 -7.79 23.03 52.74
CA ASP A 37 -6.86 23.43 53.78
C ASP A 37 -5.56 22.64 53.70
N LYS A 38 -5.35 21.97 52.58
CA LYS A 38 -4.21 21.09 52.40
C LYS A 38 -3.29 21.62 51.32
N PRO A 39 -2.00 21.30 51.39
CA PRO A 39 -1.06 21.88 50.41
C PRO A 39 -1.38 21.42 49.01
N THR A 40 -1.08 22.30 48.05
CA THR A 40 -1.32 22.00 46.66
C THR A 40 -0.25 21.05 46.15
N VAL A 41 -0.68 19.88 45.67
CA VAL A 41 0.23 18.83 45.23
C VAL A 41 0.05 18.64 43.74
N ASP A 42 1.15 18.40 43.03
CA ASP A 42 1.15 18.22 41.58
C ASP A 42 1.48 16.77 41.25
N ILE A 43 0.57 16.10 40.57
CA ILE A 43 0.70 14.68 40.25
C ILE A 43 0.87 14.54 38.75
N GLU A 44 1.78 13.67 38.35
CA GLU A 44 2.07 13.48 36.93
C GLU A 44 2.50 12.05 36.71
N LEU A 45 1.90 11.39 35.72
CA LEU A 45 2.30 10.05 35.32
C LEU A 45 3.41 10.18 34.29
N VAL A 46 4.55 9.55 34.55
CA VAL A 46 5.74 9.74 33.71
C VAL A 46 5.96 8.59 32.74
N THR A 47 6.07 7.36 33.24
CA THR A 47 6.33 6.22 32.37
C THR A 47 5.36 5.09 32.68
N THR A 48 5.26 4.17 31.73
CA THR A 48 4.52 2.92 31.90
C THR A 48 5.44 1.81 31.42
N THR A 49 5.85 0.93 32.32
CA THR A 49 6.86 -0.07 32.01
C THR A 49 6.21 -1.45 31.95
N VAL A 50 6.17 -2.03 30.76
CA VAL A 50 5.65 -3.38 30.56
C VAL A 50 6.84 -4.33 30.55
N SER A 51 6.77 -5.37 31.37
CA SER A 51 7.88 -6.30 31.54
C SER A 51 7.43 -7.72 31.26
N ASN A 52 8.41 -8.58 30.97
CA ASN A 52 8.18 -10.02 30.82
C ASN A 52 7.14 -10.30 29.74
N MET A 53 7.49 -9.94 28.50
CA MET A 53 6.62 -10.18 27.36
C MET A 53 7.08 -11.42 26.61
N ALA A 54 6.13 -12.27 26.23
CA ALA A 54 6.42 -13.49 25.51
C ALA A 54 5.86 -13.41 24.10
N GLU A 55 6.69 -13.76 23.11
CA GLU A 55 6.35 -13.51 21.71
C GLU A 55 5.36 -14.53 21.20
N VAL A 56 4.65 -14.15 20.13
CA VAL A 56 3.64 -15.02 19.55
C VAL A 56 3.97 -15.37 18.11
N ARG A 57 4.23 -14.37 17.26
CA ARG A 57 4.56 -14.62 15.87
C ARG A 57 5.86 -13.92 15.51
N SER A 58 6.30 -14.14 14.28
CA SER A 58 7.45 -13.43 13.73
C SER A 58 7.32 -13.40 12.22
N TYR A 59 6.82 -12.29 11.69
CA TYR A 59 6.69 -12.17 10.25
C TYR A 59 8.04 -11.86 9.62
N CYS A 60 8.25 -12.36 8.41
CA CYS A 60 9.51 -12.19 7.70
C CYS A 60 9.31 -11.17 6.61
N TYR A 61 9.82 -9.95 6.80
CA TYR A 61 9.55 -8.87 5.88
C TYR A 61 10.64 -8.66 4.84
N GLU A 62 11.63 -9.54 4.77
CA GLU A 62 12.65 -9.44 3.73
C GLU A 62 13.27 -10.81 3.54
N ALA A 63 12.98 -11.44 2.42
CA ALA A 63 13.40 -12.81 2.17
C ALA A 63 14.45 -12.85 1.07
N SER A 64 14.83 -14.07 0.69
CA SER A 64 15.78 -14.29 -0.40
C SER A 64 15.71 -15.75 -0.80
N ILE A 65 15.86 -16.01 -2.10
CA ILE A 65 15.77 -17.38 -2.62
C ILE A 65 17.15 -17.84 -3.07
N SER A 66 17.58 -18.96 -2.52
CA SER A 66 18.81 -19.62 -2.90
C SER A 66 18.52 -20.55 -4.08
N ASP A 67 19.43 -21.50 -4.34
CA ASP A 67 19.37 -22.40 -5.48
C ASP A 67 17.95 -22.82 -5.83
N MET A 68 17.59 -22.66 -7.10
CA MET A 68 16.29 -23.05 -7.61
C MET A 68 16.47 -24.07 -8.72
N ALA A 69 15.58 -25.07 -8.75
CA ALA A 69 15.65 -26.15 -9.71
C ALA A 69 14.27 -26.36 -10.32
N SER A 70 14.19 -27.25 -11.30
CA SER A 70 12.91 -27.52 -11.95
C SER A 70 12.95 -28.91 -12.55
N ASP A 71 11.77 -29.36 -12.99
CA ASP A 71 11.62 -30.69 -13.58
C ASP A 71 10.39 -30.67 -14.46
N SER A 72 10.47 -31.38 -15.58
CA SER A 72 9.41 -31.35 -16.58
C SER A 72 9.07 -32.76 -17.05
N ARG A 73 7.79 -33.01 -17.25
CA ARG A 73 7.33 -34.28 -17.78
C ARG A 73 6.66 -34.05 -19.12
N CYS A 74 6.82 -35.02 -20.02
CA CYS A 74 6.15 -34.97 -21.31
C CYS A 74 4.64 -35.03 -21.09
N PRO A 75 3.86 -34.59 -22.08
CA PRO A 75 2.41 -34.65 -21.94
C PRO A 75 1.93 -36.09 -21.80
N THR A 76 0.85 -36.27 -21.05
CA THR A 76 0.29 -37.58 -20.74
C THR A 76 1.36 -38.54 -20.20
N GLN A 77 2.17 -38.04 -19.25
CA GLN A 77 3.19 -38.85 -18.60
C GLN A 77 3.24 -38.57 -17.11
N GLY A 78 2.11 -38.18 -16.52
CA GLY A 78 2.07 -37.83 -15.12
C GLY A 78 2.32 -36.35 -14.91
N GLU A 79 2.83 -35.98 -13.74
CA GLU A 79 3.28 -34.62 -13.49
C GLU A 79 4.65 -34.64 -12.85
N ALA A 80 5.35 -33.52 -12.95
CA ALA A 80 6.75 -33.46 -12.58
C ALA A 80 6.91 -33.62 -11.08
N TYR A 81 8.15 -33.90 -10.67
CA TYR A 81 8.46 -34.14 -9.27
C TYR A 81 9.93 -33.85 -9.05
N LEU A 82 10.21 -33.07 -8.00
CA LEU A 82 11.57 -32.83 -7.54
C LEU A 82 11.80 -33.53 -6.22
N ASP A 83 13.02 -33.99 -6.00
CA ASP A 83 13.36 -34.56 -4.70
C ASP A 83 13.22 -33.53 -3.59
N LYS A 84 13.47 -32.26 -3.90
CA LYS A 84 13.39 -31.18 -2.93
C LYS A 84 11.99 -30.60 -2.84
N GLN A 85 10.98 -31.38 -3.18
CA GLN A 85 9.60 -30.92 -3.06
C GLN A 85 8.99 -31.34 -1.73
N SER A 86 9.46 -32.43 -1.14
CA SER A 86 9.03 -32.85 0.17
C SER A 86 9.79 -32.16 1.29
N ASP A 87 10.64 -31.18 0.94
CA ASP A 87 11.37 -30.39 1.93
C ASP A 87 10.56 -29.17 2.29
N THR A 88 10.41 -28.92 3.59
CA THR A 88 9.60 -27.81 4.05
C THR A 88 10.37 -26.50 4.12
N GLN A 89 11.51 -26.42 3.45
CA GLN A 89 12.23 -25.16 3.32
C GLN A 89 12.15 -24.59 1.91
N TYR A 90 11.59 -25.35 0.97
CA TYR A 90 11.53 -24.96 -0.43
C TYR A 90 10.10 -24.64 -0.79
N VAL A 91 9.89 -23.47 -1.40
CA VAL A 91 8.59 -23.08 -1.91
C VAL A 91 8.53 -23.48 -3.38
N CYS A 92 7.52 -24.25 -3.76
CA CYS A 92 7.44 -24.80 -5.10
C CYS A 92 6.07 -24.49 -5.71
N LYS A 93 6.00 -24.60 -7.03
CA LYS A 93 4.76 -24.38 -7.75
C LYS A 93 4.77 -25.18 -9.03
N ARG A 94 3.65 -25.84 -9.32
CA ARG A 94 3.50 -26.65 -10.52
C ARG A 94 2.63 -25.93 -11.53
N THR A 95 3.01 -26.02 -12.80
CA THR A 95 2.24 -25.41 -13.86
C THR A 95 2.42 -26.25 -15.12
N LEU A 96 1.59 -25.95 -16.12
CA LEU A 96 1.62 -26.66 -17.38
C LEU A 96 2.30 -25.78 -18.43
N VAL A 97 3.30 -26.32 -19.11
CA VAL A 97 3.98 -25.61 -20.18
C VAL A 97 3.78 -26.39 -21.47
N ASP A 98 3.88 -25.69 -22.59
CA ASP A 98 3.72 -26.35 -23.88
C ASP A 98 4.94 -27.22 -24.14
N ARG A 99 4.69 -28.39 -24.72
CA ARG A 99 5.72 -29.38 -24.95
C ARG A 99 5.49 -30.00 -26.31
N GLY A 100 6.57 -30.13 -27.09
CA GLY A 100 6.42 -30.66 -28.42
C GLY A 100 7.59 -31.49 -28.88
N TRP A 101 7.70 -31.70 -30.20
CA TRP A 101 8.81 -32.48 -30.74
C TRP A 101 10.12 -31.73 -30.67
N GLY A 102 10.08 -30.39 -30.63
CA GLY A 102 11.31 -29.64 -30.54
C GLY A 102 11.91 -29.64 -29.15
N ASN A 103 11.07 -29.73 -28.12
CA ASN A 103 11.52 -29.74 -26.73
C ASN A 103 12.01 -31.12 -26.28
N GLY A 104 12.28 -32.02 -27.21
CA GLY A 104 12.75 -33.33 -26.87
C GLY A 104 11.68 -34.33 -26.49
N CYS A 105 10.42 -33.92 -26.45
CA CYS A 105 9.33 -34.80 -26.09
C CYS A 105 8.95 -35.67 -27.30
N GLY A 106 7.83 -36.36 -27.20
CA GLY A 106 7.35 -37.17 -28.30
C GLY A 106 5.86 -37.02 -28.56
N LEU A 107 5.23 -36.05 -27.90
CA LEU A 107 3.80 -35.84 -28.04
C LEU A 107 3.50 -34.38 -27.74
N PHE A 108 2.66 -33.77 -28.58
CA PHE A 108 2.34 -32.37 -28.44
C PHE A 108 1.22 -32.18 -27.41
N GLY A 109 1.36 -31.14 -26.59
CA GLY A 109 0.36 -30.85 -25.59
C GLY A 109 0.97 -30.07 -24.43
N LYS A 110 0.17 -29.85 -23.40
CA LYS A 110 0.63 -29.15 -22.21
C LYS A 110 1.33 -30.14 -21.30
N GLY A 111 2.62 -29.91 -21.07
CA GLY A 111 3.40 -30.78 -20.21
C GLY A 111 3.12 -30.53 -18.76
N SER A 112 4.16 -30.63 -17.94
CA SER A 112 4.05 -30.33 -16.51
C SER A 112 5.41 -29.87 -16.03
N LEU A 113 5.42 -28.88 -15.17
CA LEU A 113 6.66 -28.23 -14.73
C LEU A 113 6.53 -27.83 -13.28
N VAL A 114 7.51 -28.23 -12.46
CA VAL A 114 7.54 -27.88 -11.05
C VAL A 114 8.84 -27.14 -10.77
N THR A 115 8.74 -25.99 -10.11
CA THR A 115 9.90 -25.15 -9.83
C THR A 115 10.05 -25.01 -8.33
N CYS A 116 11.15 -25.51 -7.79
CA CYS A 116 11.45 -25.39 -6.37
C CYS A 116 12.46 -24.28 -6.16
N ALA A 117 12.46 -23.72 -4.95
CA ALA A 117 13.35 -22.60 -4.66
C ALA A 117 13.44 -22.44 -3.15
N LYS A 118 14.67 -22.41 -2.62
CA LYS A 118 14.88 -22.43 -1.18
C LYS A 118 14.59 -21.08 -0.56
N PHE A 119 13.79 -21.06 0.49
CA PHE A 119 13.37 -19.83 1.14
C PHE A 119 14.21 -19.59 2.38
N ALA A 120 14.99 -18.52 2.38
CA ALA A 120 15.84 -18.16 3.51
C ALA A 120 15.56 -16.71 3.87
N CYS A 121 15.13 -16.49 5.11
CA CYS A 121 14.73 -15.16 5.56
C CYS A 121 15.90 -14.45 6.23
N SER A 122 16.00 -13.15 5.99
CA SER A 122 17.10 -12.35 6.56
C SER A 122 16.66 -11.44 7.68
N LYS A 123 15.48 -10.84 7.61
CA LYS A 123 15.00 -9.93 8.62
C LYS A 123 13.58 -10.31 9.00
N LYS A 124 13.21 -10.05 10.26
CA LYS A 124 11.88 -10.40 10.71
C LYS A 124 11.48 -9.49 11.87
N MET A 125 10.17 -9.37 12.07
CA MET A 125 9.61 -8.56 13.14
C MET A 125 8.85 -9.46 14.10
N THR A 126 9.12 -9.30 15.40
CA THR A 126 8.56 -10.14 16.43
C THR A 126 7.45 -9.38 17.15
N GLY A 127 6.35 -10.07 17.44
CA GLY A 127 5.27 -9.45 18.16
C GLY A 127 5.04 -10.10 19.50
N LYS A 128 5.30 -9.39 20.59
CA LYS A 128 5.19 -9.94 21.93
C LYS A 128 3.89 -9.51 22.58
N SER A 129 3.31 -10.40 23.37
CA SER A 129 2.03 -10.15 24.00
C SER A 129 2.23 -9.46 25.33
N ILE A 130 1.24 -8.66 25.73
CA ILE A 130 1.30 -7.86 26.94
C ILE A 130 0.25 -8.38 27.90
N GLN A 131 0.68 -8.74 29.11
CA GLN A 131 -0.25 -9.19 30.13
C GLN A 131 -0.43 -8.11 31.17
N PRO A 132 -1.66 -7.81 31.61
CA PRO A 132 -1.87 -6.66 32.49
C PRO A 132 -1.28 -6.81 33.88
N GLU A 133 -0.83 -7.99 34.29
CA GLU A 133 -0.01 -8.11 35.50
C GLU A 133 1.45 -7.75 35.29
N ASN A 134 1.76 -7.04 34.22
CA ASN A 134 3.14 -6.62 34.00
C ASN A 134 3.29 -5.12 33.96
N LEU A 135 2.21 -4.38 33.78
CA LEU A 135 2.30 -2.93 33.77
C LEU A 135 2.75 -2.42 35.13
N GLU A 136 3.57 -1.37 35.11
CA GLU A 136 4.08 -0.77 36.34
C GLU A 136 4.17 0.74 36.10
N TYR A 137 3.09 1.44 36.42
CA TYR A 137 3.05 2.88 36.20
C TYR A 137 3.88 3.59 37.26
N ARG A 138 4.64 4.60 36.83
CA ARG A 138 5.43 5.40 37.74
C ARG A 138 4.83 6.80 37.80
N ILE A 139 4.55 7.27 39.01
CA ILE A 139 3.87 8.53 39.23
C ILE A 139 4.78 9.43 40.05
N MET A 140 5.06 10.62 39.54
CA MET A 140 5.92 11.57 40.22
C MET A 140 5.05 12.65 40.85
N LEU A 141 5.27 12.91 42.13
CA LEU A 141 4.49 13.89 42.88
C LEU A 141 5.36 15.09 43.21
N SER A 142 4.70 16.21 43.51
CA SER A 142 5.42 17.44 43.84
C SER A 142 4.46 18.41 44.49
N VAL A 143 4.83 18.93 45.65
CA VAL A 143 3.98 19.85 46.41
C VAL A 143 4.51 21.25 46.26
N HIS A 144 3.60 22.22 46.13
CA HIS A 144 3.97 23.62 46.08
C HIS A 144 4.33 24.08 47.49
N GLY A 145 5.51 24.65 47.65
CA GLY A 145 6.01 24.98 48.96
C GLY A 145 7.41 25.53 48.93
N SER A 146 8.29 25.02 49.76
CA SER A 146 9.65 25.52 49.85
C SER A 146 10.49 25.09 48.64
N GLN A 147 10.13 25.60 47.46
CA GLN A 147 10.85 25.25 46.24
C GLN A 147 10.97 26.48 45.35
N HIS A 148 12.14 26.65 44.77
CA HIS A 148 12.38 27.74 43.84
C HIS A 148 12.45 27.19 42.42
N SER A 149 12.82 28.06 41.47
CA SER A 149 12.82 27.70 40.06
C SER A 149 13.65 26.45 39.79
N GLY A 150 14.74 26.24 40.52
CA GLY A 150 15.59 25.09 40.30
C GLY A 150 15.04 23.80 40.87
N MET A 151 13.72 23.67 40.93
CA MET A 151 13.07 22.50 41.49
C MET A 151 11.98 21.93 40.59
N ILE A 152 11.81 22.46 39.38
CA ILE A 152 10.62 22.13 38.59
C ILE A 152 10.82 20.85 37.80
N VAL A 153 11.77 20.87 36.86
CA VAL A 153 12.14 19.67 36.13
C VAL A 153 13.41 19.02 36.67
N ASN A 154 14.11 19.70 37.58
CA ASN A 154 15.31 19.15 38.19
C ASN A 154 14.95 17.87 38.92
N ASP A 155 15.30 16.73 38.33
CA ASP A 155 14.99 15.43 38.91
C ASP A 155 16.15 14.86 39.72
N THR A 156 17.28 15.56 39.77
CA THR A 156 18.44 15.08 40.51
C THR A 156 18.13 15.19 42.01
N GLY A 157 17.64 14.09 42.58
CA GLY A 157 17.36 14.03 44.00
C GLY A 157 15.91 14.28 44.36
N TYR A 158 15.18 13.22 44.70
CA TYR A 158 13.79 13.37 45.15
C TYR A 158 13.55 12.85 46.55
N GLU A 159 14.16 11.71 46.90
CA GLU A 159 13.85 11.03 48.15
C GLU A 159 14.59 11.65 49.33
N THR A 160 15.15 12.85 49.14
CA THR A 160 15.77 13.64 50.20
C THR A 160 15.28 15.08 50.12
N ASP A 161 14.07 15.29 49.62
CA ASP A 161 13.61 16.62 49.25
C ASP A 161 12.37 17.09 50.01
N GLU A 162 11.59 16.16 50.57
CA GLU A 162 10.34 16.43 51.27
C GLU A 162 9.25 16.95 50.34
N ASN A 163 9.55 17.19 49.07
CA ASN A 163 8.58 17.75 48.16
C ASN A 163 8.34 16.91 46.92
N ARG A 164 9.28 16.06 46.54
CA ARG A 164 9.15 15.24 45.35
C ARG A 164 9.28 13.78 45.75
N ALA A 165 8.37 12.95 45.23
CA ALA A 165 8.39 11.54 45.56
C ALA A 165 7.75 10.77 44.41
N LYS A 166 8.41 9.70 43.99
CA LYS A 166 7.89 8.85 42.93
C LYS A 166 7.16 7.67 43.53
N VAL A 167 6.11 7.22 42.84
CA VAL A 167 5.27 6.12 43.29
C VAL A 167 5.11 5.16 42.14
N GLU A 168 5.40 3.88 42.37
CA GLU A 168 5.25 2.86 41.34
C GLU A 168 4.06 1.99 41.67
N VAL A 169 3.09 1.96 40.76
CA VAL A 169 1.78 1.36 41.01
C VAL A 169 1.63 0.17 40.07
N THR A 170 1.61 -1.03 40.62
CA THR A 170 1.46 -2.28 39.92
C THR A 170 0.10 -2.87 40.25
N PRO A 171 -0.53 -3.60 39.32
CA PRO A 171 -1.77 -4.30 39.67
C PRO A 171 -1.59 -5.33 40.77
N ASN A 172 -0.36 -5.61 41.18
CA ASN A 172 -0.13 -6.45 42.36
C ASN A 172 -0.17 -5.63 43.64
N SER A 173 0.18 -4.35 43.58
CA SER A 173 0.10 -3.44 44.72
C SER A 173 -0.52 -2.13 44.25
N PRO A 174 -1.84 -2.09 44.05
CA PRO A 174 -2.44 -0.91 43.42
C PRO A 174 -2.41 0.33 44.29
N ARG A 175 -2.68 0.21 45.59
CA ARG A 175 -2.68 1.39 46.45
C ARG A 175 -1.30 1.57 47.06
N ALA A 176 -0.66 2.69 46.75
CA ALA A 176 0.62 3.03 47.34
C ALA A 176 0.55 4.44 47.90
N GLU A 177 1.45 4.74 48.82
CA GLU A 177 1.43 6.00 49.56
C GLU A 177 2.80 6.64 49.47
N ALA A 178 2.83 7.93 49.13
CA ALA A 178 4.06 8.68 48.98
C ALA A 178 4.35 9.46 50.25
N THR A 179 5.59 9.36 50.73
CA THR A 179 6.01 10.05 51.94
C THR A 179 6.54 11.43 51.58
N LEU A 180 5.77 12.46 51.90
CA LEU A 180 6.22 13.83 51.75
C LEU A 180 6.48 14.37 53.15
N GLY A 181 7.75 14.46 53.52
CA GLY A 181 8.13 14.82 54.87
C GLY A 181 7.61 16.18 55.33
N GLY A 182 6.86 16.20 56.43
CA GLY A 182 6.31 17.43 56.94
C GLY A 182 4.91 17.72 56.43
N PHE A 183 4.63 17.37 55.18
CA PHE A 183 3.31 17.55 54.62
C PHE A 183 2.40 16.37 54.88
N GLY A 184 2.94 15.25 55.33
CA GLY A 184 2.15 14.06 55.59
C GLY A 184 2.45 12.97 54.57
N SER A 185 1.39 12.45 53.93
CA SER A 185 1.55 11.41 52.93
C SER A 185 0.28 11.34 52.10
N LEU A 186 0.41 11.49 50.79
CA LEU A 186 -0.73 11.39 49.90
C LEU A 186 -0.98 9.93 49.55
N GLY A 187 -2.24 9.50 49.59
CA GLY A 187 -2.60 8.13 49.27
C GLY A 187 -3.23 8.03 47.90
N LEU A 188 -2.75 7.07 47.11
CA LEU A 188 -3.23 6.87 45.75
C LEU A 188 -3.81 5.46 45.62
N ASP A 189 -5.11 5.39 45.41
CA ASP A 189 -5.83 4.13 45.24
C ASP A 189 -6.07 3.85 43.76
N CYS A 190 -4.99 3.49 43.05
CA CYS A 190 -5.01 3.50 41.60
C CYS A 190 -5.87 2.37 41.04
N GLU A 191 -5.99 2.37 39.71
CA GLU A 191 -6.69 1.35 38.94
C GLU A 191 -5.77 0.92 37.80
N PRO A 192 -4.69 0.20 38.10
CA PRO A 192 -3.69 -0.08 37.07
C PRO A 192 -4.08 -1.16 36.09
N ARG A 193 -5.27 -1.74 36.18
CA ARG A 193 -5.67 -2.74 35.20
C ARG A 193 -6.52 -2.15 34.10
N THR A 194 -7.43 -1.24 34.42
CA THR A 194 -8.28 -0.60 33.41
C THR A 194 -7.57 0.62 32.85
N GLY A 195 -6.41 0.37 32.25
CA GLY A 195 -5.63 1.42 31.63
C GLY A 195 -5.93 1.56 30.15
N LEU A 196 -4.96 1.25 29.31
CA LEU A 196 -5.10 1.42 27.86
C LEU A 196 -5.60 0.14 27.20
N ASP A 197 -6.16 -0.76 27.99
CA ASP A 197 -6.72 -2.02 27.49
C ASP A 197 -5.64 -2.85 26.80
N PHE A 198 -4.67 -3.30 27.59
CA PHE A 198 -3.55 -4.08 27.08
C PHE A 198 -3.93 -5.53 26.79
N SER A 199 -5.20 -5.90 26.82
CA SER A 199 -5.57 -7.26 26.44
C SER A 199 -5.67 -7.43 24.93
N ASP A 200 -5.68 -6.32 24.18
CA ASP A 200 -5.74 -6.34 22.74
C ASP A 200 -4.58 -5.57 22.11
N LEU A 201 -3.44 -5.50 22.78
CA LEU A 201 -2.28 -4.82 22.22
C LEU A 201 -1.10 -5.77 22.24
N TYR A 202 -0.24 -5.64 21.25
CA TYR A 202 0.98 -6.41 21.13
C TYR A 202 2.16 -5.45 21.20
N TYR A 203 3.35 -5.98 20.96
CA TYR A 203 4.55 -5.17 21.01
C TYR A 203 5.41 -5.51 19.79
N LEU A 204 5.15 -4.82 18.68
CA LEU A 204 5.92 -5.07 17.48
C LEU A 204 7.38 -4.68 17.70
N THR A 205 8.27 -5.23 16.88
CA THR A 205 9.69 -4.93 16.99
C THR A 205 10.33 -5.17 15.64
N MET A 206 10.56 -4.10 14.88
CA MET A 206 11.02 -4.23 13.50
C MET A 206 12.26 -3.37 13.32
N ASN A 207 13.44 -3.99 13.43
CA ASN A 207 14.71 -3.32 13.17
C ASN A 207 14.97 -2.20 14.18
N ASN A 208 14.87 -2.55 15.46
CA ASN A 208 15.13 -1.62 16.56
C ASN A 208 14.19 -0.41 16.51
N LYS A 209 12.93 -0.68 16.23
CA LYS A 209 11.87 0.32 16.35
C LYS A 209 10.64 -0.42 16.84
N HIS A 210 10.16 -0.10 18.03
CA HIS A 210 9.08 -0.85 18.64
C HIS A 210 7.79 -0.04 18.61
N TRP A 211 6.67 -0.73 18.42
CA TRP A 211 5.37 -0.11 18.34
C TRP A 211 4.41 -0.85 19.27
N LEU A 212 3.20 -0.34 19.38
CA LEU A 212 2.13 -0.99 20.13
C LEU A 212 1.00 -1.26 19.15
N VAL A 213 1.06 -2.37 18.48
CA VAL A 213 0.08 -2.67 17.45
C VAL A 213 -1.12 -3.34 18.09
N HIS A 214 -2.25 -3.25 17.41
CA HIS A 214 -3.44 -3.96 17.84
C HIS A 214 -3.32 -5.44 17.52
N LYS A 215 -3.95 -6.26 18.36
CA LYS A 215 -3.87 -7.70 18.16
C LYS A 215 -4.53 -8.11 16.84
N GLU A 216 -5.72 -7.58 16.56
CA GLU A 216 -6.40 -7.92 15.32
C GLU A 216 -5.57 -7.54 14.11
N TRP A 217 -4.94 -6.37 14.13
CA TRP A 217 -4.11 -5.98 13.02
C TRP A 217 -2.91 -6.90 12.88
N PHE A 218 -2.29 -7.26 14.00
CA PHE A 218 -1.11 -8.10 13.92
C PHE A 218 -1.41 -9.50 13.44
N HIS A 219 -2.64 -9.97 13.62
CA HIS A 219 -3.00 -11.31 13.17
C HIS A 219 -3.50 -11.35 11.73
N ASP A 220 -3.44 -10.24 11.00
CA ASP A 220 -3.91 -10.21 9.63
C ASP A 220 -2.83 -9.90 8.60
N ILE A 221 -1.59 -9.70 9.02
CA ILE A 221 -0.54 -9.33 8.08
C ILE A 221 -0.28 -10.51 7.14
N PRO A 222 -0.20 -10.29 5.83
CA PRO A 222 0.11 -11.37 4.87
C PRO A 222 1.60 -11.52 4.58
N LEU A 223 2.34 -12.10 5.52
CA LEU A 223 3.77 -12.30 5.37
C LEU A 223 4.11 -13.66 5.95
N PRO A 224 5.23 -14.25 5.54
CA PRO A 224 5.59 -15.58 6.06
C PRO A 224 5.93 -15.51 7.54
N TRP A 225 5.16 -16.24 8.34
CA TRP A 225 5.29 -16.19 9.79
C TRP A 225 5.70 -17.54 10.33
N HIS A 226 6.26 -17.55 11.52
CA HIS A 226 6.48 -18.80 12.23
C HIS A 226 5.96 -18.68 13.66
N ALA A 227 6.10 -19.76 14.42
CA ALA A 227 5.17 -20.01 15.53
C ALA A 227 5.54 -19.30 16.82
N GLY A 228 6.80 -18.91 17.01
CA GLY A 228 7.17 -18.44 18.33
C GLY A 228 8.58 -17.91 18.48
N ALA A 229 9.28 -18.37 19.51
CA ALA A 229 10.58 -17.82 19.89
C ALA A 229 11.73 -18.53 19.21
N ASP A 230 11.52 -19.07 18.02
CA ASP A 230 12.56 -19.80 17.31
C ASP A 230 13.69 -18.85 16.90
N THR A 231 14.90 -19.18 17.33
CA THR A 231 16.10 -18.41 16.98
C THR A 231 16.94 -19.11 15.94
N GLY A 232 16.67 -20.39 15.69
CA GLY A 232 17.42 -21.15 14.71
C GLY A 232 16.85 -20.94 13.33
N THR A 233 16.50 -22.05 12.68
CA THR A 233 15.88 -21.96 11.37
C THR A 233 14.40 -22.28 11.50
N PRO A 234 13.53 -21.29 11.44
CA PRO A 234 12.10 -21.55 11.69
C PRO A 234 11.45 -22.32 10.55
N HIS A 235 10.15 -22.50 10.65
CA HIS A 235 9.44 -23.25 9.63
C HIS A 235 8.83 -22.38 8.54
N TRP A 236 8.47 -21.13 8.86
CA TRP A 236 8.00 -20.17 7.87
C TRP A 236 6.76 -20.68 7.14
N ASN A 237 5.67 -20.79 7.89
CA ASN A 237 4.39 -21.04 7.24
C ASN A 237 4.10 -19.91 6.25
N ASN A 238 3.39 -20.25 5.19
CA ASN A 238 2.95 -19.27 4.19
C ASN A 238 4.14 -18.57 3.54
N LYS A 239 5.03 -19.36 2.92
CA LYS A 239 6.15 -18.78 2.21
C LYS A 239 5.74 -18.08 0.95
N GLU A 240 4.63 -18.49 0.34
CA GLU A 240 4.23 -18.03 -0.97
C GLU A 240 3.69 -16.61 -0.96
N ALA A 241 3.82 -15.89 0.14
CA ALA A 241 3.41 -14.49 0.20
C ALA A 241 4.55 -13.54 -0.07
N LEU A 242 5.71 -14.05 -0.45
CA LEU A 242 6.83 -13.19 -0.82
C LEU A 242 7.51 -13.63 -2.11
N VAL A 243 7.32 -14.86 -2.56
CA VAL A 243 7.84 -15.29 -3.84
C VAL A 243 6.76 -15.13 -4.88
N GLU A 244 7.19 -15.06 -6.15
CA GLU A 244 6.27 -14.84 -7.26
C GLU A 244 6.75 -15.68 -8.44
N PHE A 245 5.94 -16.65 -8.83
CA PHE A 245 6.30 -17.56 -9.91
C PHE A 245 5.71 -17.03 -11.21
N LYS A 246 6.57 -16.79 -12.20
CA LYS A 246 6.17 -16.23 -13.48
C LYS A 246 6.59 -17.17 -14.59
N ASP A 247 5.63 -17.61 -15.40
CA ASP A 247 5.91 -18.38 -16.59
C ASP A 247 5.82 -17.46 -17.80
N ALA A 248 6.78 -17.54 -18.71
CA ALA A 248 6.74 -16.56 -19.78
C ALA A 248 5.68 -16.95 -20.80
N HIS A 249 5.98 -17.93 -21.65
CA HIS A 249 4.95 -18.68 -22.37
C HIS A 249 5.31 -20.15 -22.49
N ALA A 250 6.61 -20.40 -22.62
CA ALA A 250 7.16 -21.67 -23.05
C ALA A 250 7.57 -22.47 -21.82
N LYS A 251 8.39 -23.49 -22.01
CA LYS A 251 8.89 -24.28 -20.89
C LYS A 251 9.85 -23.44 -20.06
N ARG A 252 9.31 -22.44 -19.38
CA ARG A 252 10.10 -21.58 -18.52
C ARG A 252 9.20 -21.10 -17.39
N GLN A 253 9.75 -21.07 -16.17
CA GLN A 253 9.05 -20.56 -15.01
C GLN A 253 10.08 -19.93 -14.09
N THR A 254 10.11 -18.61 -14.03
CA THR A 254 11.04 -17.90 -13.19
C THR A 254 10.41 -17.61 -11.84
N VAL A 255 11.22 -17.67 -10.79
CA VAL A 255 10.78 -17.37 -9.44
C VAL A 255 11.60 -16.18 -8.93
N VAL A 256 10.91 -15.12 -8.56
CA VAL A 256 11.55 -13.92 -8.02
C VAL A 256 10.86 -13.55 -6.72
N VAL A 257 11.63 -13.02 -5.78
CA VAL A 257 11.13 -12.64 -4.46
C VAL A 257 10.81 -11.17 -4.45
N LEU A 258 9.72 -10.80 -3.79
CA LEU A 258 9.42 -9.39 -3.60
C LEU A 258 10.41 -8.79 -2.61
N GLY A 259 10.66 -7.50 -2.76
CA GLY A 259 11.69 -6.85 -1.98
C GLY A 259 11.40 -6.75 -0.50
N SER A 260 12.09 -5.86 0.20
CA SER A 260 11.92 -5.75 1.63
C SER A 260 10.65 -4.97 1.94
N GLN A 261 9.71 -5.60 2.63
CA GLN A 261 8.43 -4.99 2.95
C GLN A 261 8.50 -4.08 4.16
N GLU A 262 9.70 -3.66 4.57
CA GLU A 262 9.84 -2.83 5.75
C GLU A 262 9.10 -1.52 5.58
N GLY A 263 9.32 -0.83 4.45
CA GLY A 263 8.61 0.41 4.23
C GLY A 263 7.13 0.21 4.01
N ALA A 264 6.76 -0.90 3.38
CA ALA A 264 5.36 -1.17 3.10
C ALA A 264 4.58 -1.41 4.38
N VAL A 265 5.24 -1.90 5.43
CA VAL A 265 4.57 -2.07 6.71
C VAL A 265 4.72 -0.84 7.60
N HIS A 266 5.78 -0.06 7.41
CA HIS A 266 5.87 1.23 8.10
C HIS A 266 4.73 2.13 7.71
N THR A 267 4.43 2.23 6.42
CA THR A 267 3.28 3.04 6.01
C THR A 267 1.97 2.32 6.23
N ALA A 268 2.00 1.09 6.71
CA ALA A 268 0.78 0.34 6.99
C ALA A 268 0.39 0.40 8.45
N LEU A 269 1.31 0.77 9.34
CA LEU A 269 0.91 0.99 10.72
C LEU A 269 0.10 2.26 10.85
N ALA A 270 0.75 3.41 10.71
CA ALA A 270 0.06 4.70 10.56
C ALA A 270 -1.02 4.96 11.61
N GLY A 271 -1.13 4.14 12.64
CA GLY A 271 -2.05 4.45 13.71
C GLY A 271 -1.57 3.90 15.04
N ALA A 272 -0.36 3.36 15.06
CA ALA A 272 0.12 2.62 16.21
C ALA A 272 0.98 3.53 17.07
N LEU A 273 0.88 3.33 18.38
CA LEU A 273 1.64 4.11 19.34
C LEU A 273 3.09 3.67 19.30
N GLU A 274 4.00 4.61 19.12
CA GLU A 274 5.41 4.28 19.14
C GLU A 274 5.89 4.14 20.59
N ALA A 275 6.54 3.03 20.88
CA ALA A 275 7.07 2.80 22.20
C ALA A 275 8.58 2.66 22.11
N GLU A 276 9.22 2.43 23.25
CA GLU A 276 10.65 2.19 23.30
C GLU A 276 10.93 0.96 24.13
N MET A 277 12.20 0.75 24.46
CA MET A 277 12.61 -0.44 25.18
C MET A 277 14.00 -0.18 25.76
N ASP A 278 14.19 -0.55 27.01
CA ASP A 278 15.47 -0.35 27.70
C ASP A 278 16.06 -1.69 28.13
N GLY A 279 15.98 -2.70 27.28
CA GLY A 279 16.43 -4.02 27.65
C GLY A 279 15.34 -5.05 27.46
N ALA A 280 14.85 -5.62 28.55
CA ALA A 280 13.77 -6.58 28.50
C ALA A 280 12.41 -5.98 28.78
N LYS A 281 12.36 -4.75 29.28
CA LYS A 281 11.11 -4.10 29.65
C LYS A 281 10.75 -3.05 28.61
N GLY A 282 9.48 -2.99 28.24
CA GLY A 282 9.03 -2.03 27.25
C GLY A 282 8.44 -0.79 27.87
N LYS A 283 9.11 0.34 27.71
CA LYS A 283 8.69 1.58 28.35
C LYS A 283 7.80 2.38 27.42
N LEU A 284 6.51 2.45 27.74
CA LEU A 284 5.58 3.26 26.99
C LEU A 284 5.60 4.69 27.50
N PHE A 285 5.22 5.62 26.64
CA PHE A 285 5.07 7.01 27.04
C PHE A 285 3.75 7.59 26.55
N SER A 286 2.71 6.77 26.54
CA SER A 286 1.36 7.23 26.20
C SER A 286 0.37 6.25 26.80
N GLY A 287 -0.71 6.79 27.30
CA GLY A 287 -1.71 6.00 27.98
C GLY A 287 -2.39 6.85 29.03
N HIS A 288 -2.94 6.19 30.04
CA HIS A 288 -3.54 6.92 31.15
C HIS A 288 -3.84 5.96 32.28
N LEU A 289 -3.77 6.47 33.50
CA LEU A 289 -4.12 5.74 34.70
C LEU A 289 -5.46 6.26 35.21
N LYS A 290 -5.97 5.66 36.27
CA LYS A 290 -7.19 6.13 36.89
C LYS A 290 -6.98 6.04 38.39
N CYS A 291 -6.89 7.18 39.05
CA CYS A 291 -6.37 7.25 40.40
C CYS A 291 -7.37 7.94 41.32
N ARG A 292 -7.40 7.52 42.57
CA ARG A 292 -8.19 8.16 43.61
C ARG A 292 -7.25 8.62 44.71
N LEU A 293 -7.36 9.88 45.09
CA LEU A 293 -6.39 10.51 45.97
C LEU A 293 -6.95 10.59 47.39
N LYS A 294 -6.54 9.66 48.24
CA LYS A 294 -6.91 9.70 49.65
C LYS A 294 -6.03 10.74 50.32
N MET A 295 -6.62 11.88 50.67
CA MET A 295 -5.87 13.06 51.08
C MET A 295 -6.05 13.37 52.56
N ASP A 296 -6.40 12.38 53.38
CA ASP A 296 -6.78 12.65 54.76
C ASP A 296 -5.58 12.90 55.66
N LYS A 297 -4.41 12.37 55.33
CA LYS A 297 -3.21 12.70 56.10
C LYS A 297 -2.24 13.59 55.36
N LEU A 298 -2.69 14.33 54.36
CA LEU A 298 -1.87 15.37 53.76
C LEU A 298 -2.11 16.66 54.53
N ARG A 299 -1.22 16.97 55.46
CA ARG A 299 -1.40 18.12 56.34
C ARG A 299 -0.60 19.30 55.84
N LEU A 300 -1.03 20.48 56.25
CA LEU A 300 -0.43 21.74 55.80
C LEU A 300 0.72 22.09 56.73
N LYS A 301 1.94 21.92 56.25
CA LYS A 301 3.11 22.23 57.06
C LYS A 301 3.31 23.73 57.12
N GLY A 302 3.54 24.25 58.31
CA GLY A 302 3.81 25.65 58.49
C GLY A 302 2.59 26.53 58.59
N VAL A 303 1.56 26.09 59.31
CA VAL A 303 0.41 26.93 59.55
C VAL A 303 0.55 27.67 60.88
N SER A 304 1.47 27.25 61.73
CA SER A 304 1.73 27.87 63.01
C SER A 304 2.94 28.81 62.99
N TYR A 305 3.46 29.13 61.82
CA TYR A 305 4.64 29.98 61.75
C TYR A 305 4.27 31.44 61.93
N SER A 306 5.28 32.26 62.16
CA SER A 306 5.10 33.69 62.32
C SER A 306 5.35 34.41 61.00
N LEU A 307 4.68 35.56 60.85
CA LEU A 307 4.77 36.30 59.60
C LEU A 307 6.19 36.83 59.39
N CYS A 308 6.43 37.32 58.18
CA CYS A 308 7.71 37.91 57.84
C CYS A 308 7.75 39.37 58.25
N THR A 309 8.95 39.86 58.56
CA THR A 309 9.11 41.25 58.96
C THR A 309 9.12 42.19 57.76
N ALA A 310 10.12 42.06 56.89
CA ALA A 310 10.27 42.97 55.76
C ALA A 310 11.30 42.49 54.76
N ALA A 311 11.62 43.35 53.78
CA ALA A 311 12.70 43.14 52.83
C ALA A 311 12.45 41.94 51.93
N PHE A 312 11.36 42.02 51.18
CA PHE A 312 11.13 41.13 50.05
C PHE A 312 11.58 41.82 48.77
N THR A 313 11.97 41.03 47.77
CA THR A 313 12.50 41.58 46.54
C THR A 313 12.22 40.65 45.38
N PHE A 314 11.68 41.21 44.30
CA PHE A 314 11.36 40.43 43.12
C PHE A 314 12.64 40.05 42.38
N THR A 315 12.81 38.75 42.17
CA THR A 315 13.71 38.25 41.14
C THR A 315 12.92 37.43 40.13
N LYS A 316 13.35 37.43 38.87
CA LYS A 316 12.61 36.72 37.83
C LYS A 316 11.18 37.27 37.75
N ILE A 317 11.07 38.50 37.26
CA ILE A 317 9.82 39.23 37.10
C ILE A 317 8.70 38.27 36.69
N PRO A 318 7.51 38.37 37.30
CA PRO A 318 6.48 37.34 37.11
C PRO A 318 6.13 37.07 35.66
N ALA A 319 5.49 35.93 35.44
CA ALA A 319 5.12 35.46 34.12
C ALA A 319 3.75 34.82 34.15
N GLU A 320 3.19 34.55 32.97
CA GLU A 320 1.84 34.01 32.83
C GLU A 320 1.91 32.64 32.19
N THR A 321 1.41 31.62 32.89
CA THR A 321 1.63 30.23 32.50
C THR A 321 0.47 29.68 31.66
N LEU A 322 0.17 30.35 30.56
CA LEU A 322 -0.72 29.85 29.51
C LEU A 322 -2.15 29.64 29.99
N HIS A 323 -2.42 29.82 31.27
CA HIS A 323 -3.75 29.61 31.81
C HIS A 323 -4.23 30.79 32.64
N GLY A 324 -3.42 31.84 32.78
CA GLY A 324 -3.73 32.96 33.62
C GLY A 324 -2.93 32.99 34.90
N THR A 325 -2.59 31.82 35.45
CA THR A 325 -1.85 31.77 36.70
C THR A 325 -0.51 32.48 36.54
N VAL A 326 -0.04 33.06 37.64
CA VAL A 326 1.17 33.88 37.64
C VAL A 326 2.20 33.20 38.51
N THR A 327 3.39 33.00 37.97
CA THR A 327 4.48 32.39 38.72
C THR A 327 5.41 33.47 39.22
N VAL A 328 5.33 33.77 40.51
CA VAL A 328 6.15 34.79 41.14
C VAL A 328 7.28 34.12 41.89
N GLU A 329 8.48 34.68 41.78
CA GLU A 329 9.63 34.22 42.56
C GLU A 329 10.15 35.38 43.39
N VAL A 330 10.21 35.18 44.70
CA VAL A 330 10.62 36.23 45.63
C VAL A 330 11.93 35.83 46.28
N GLN A 331 12.50 36.77 47.04
CA GLN A 331 13.79 36.56 47.70
C GLN A 331 13.77 37.31 49.02
N TYR A 332 13.47 36.60 50.09
CA TYR A 332 13.32 37.22 51.40
C TYR A 332 14.69 37.55 51.97
N ALA A 333 14.95 38.83 52.21
CA ALA A 333 16.20 39.28 52.78
C ALA A 333 16.03 39.41 54.29
N GLY A 334 16.44 38.40 55.03
CA GLY A 334 16.26 38.38 56.46
C GLY A 334 16.66 37.06 57.06
N THR A 335 16.76 37.05 58.39
CA THR A 335 17.17 35.87 59.15
C THR A 335 16.08 35.41 60.10
N ASP A 336 14.82 35.71 59.77
CA ASP A 336 13.71 35.32 60.63
C ASP A 336 13.62 33.82 60.85
N GLY A 337 14.11 33.03 59.90
CA GLY A 337 14.01 31.60 60.00
C GLY A 337 12.77 31.10 59.29
N PRO A 338 12.16 30.03 59.81
CA PRO A 338 10.95 29.49 59.17
C PRO A 338 9.74 30.39 59.37
N CYS A 339 9.62 31.44 58.55
CA CYS A 339 8.52 32.38 58.61
C CYS A 339 7.53 32.10 57.49
N LYS A 340 6.48 32.92 57.43
CA LYS A 340 5.39 32.75 56.48
C LYS A 340 5.28 33.99 55.60
N ILE A 341 5.16 33.77 54.30
CA ILE A 341 5.09 34.88 53.35
C ILE A 341 3.70 35.49 53.34
N PRO A 342 3.56 36.79 53.53
CA PRO A 342 2.24 37.45 53.47
C PRO A 342 1.87 37.95 52.08
N VAL A 343 1.51 37.03 51.20
CA VAL A 343 1.23 37.35 49.81
C VAL A 343 -0.28 37.52 49.63
N GLN A 344 -0.65 38.42 48.70
CA GLN A 344 -2.04 38.65 48.36
C GLN A 344 -2.09 39.46 47.09
N MET A 345 -3.27 39.51 46.48
CA MET A 345 -3.50 40.34 45.29
C MET A 345 -4.65 41.29 45.59
N ALA A 346 -4.56 42.51 45.06
CA ALA A 346 -5.45 43.57 45.48
C ALA A 346 -5.71 44.54 44.35
N VAL A 347 -6.98 44.93 44.20
CA VAL A 347 -7.34 46.16 43.51
C VAL A 347 -6.94 47.35 44.37
N ASP A 348 -7.21 48.56 43.89
CA ASP A 348 -6.60 49.83 44.33
C ASP A 348 -6.20 49.78 45.81
N MET A 349 -4.96 50.19 46.03
CA MET A 349 -4.18 49.80 47.21
C MET A 349 -4.64 50.47 48.50
N GLN A 350 -5.76 51.20 48.48
CA GLN A 350 -6.25 51.79 49.71
C GLN A 350 -6.78 50.74 50.67
N THR A 351 -7.75 49.93 50.22
CA THR A 351 -8.37 48.94 51.10
C THR A 351 -7.62 47.63 51.14
N LEU A 352 -6.89 47.30 50.06
CA LEU A 352 -6.22 46.01 49.92
C LEU A 352 -7.20 44.85 50.11
N THR A 353 -8.30 44.91 49.38
CA THR A 353 -9.26 43.82 49.41
C THR A 353 -8.72 42.68 48.55
N PRO A 354 -8.67 41.45 49.05
CA PRO A 354 -8.19 40.34 48.22
C PRO A 354 -9.21 40.01 47.15
N VAL A 355 -8.72 39.68 45.96
CA VAL A 355 -9.60 39.42 44.82
C VAL A 355 -9.32 38.09 44.13
N GLY A 356 -8.14 37.54 44.23
CA GLY A 356 -7.83 36.29 43.55
C GLY A 356 -7.39 35.23 44.53
N ARG A 357 -7.66 33.97 44.17
CA ARG A 357 -7.23 32.88 45.02
C ARG A 357 -5.75 32.61 44.79
N LEU A 358 -5.19 31.73 45.61
CA LEU A 358 -3.78 31.41 45.59
C LEU A 358 -3.63 29.94 45.26
N ILE A 359 -2.91 29.65 44.17
CA ILE A 359 -2.73 28.25 43.76
C ILE A 359 -1.86 27.51 44.76
N THR A 360 -0.71 28.09 45.11
CA THR A 360 0.12 27.51 46.14
C THR A 360 -0.46 27.88 47.50
N ALA A 361 -0.90 26.88 48.26
CA ALA A 361 -1.55 27.14 49.53
C ALA A 361 -0.51 27.32 50.61
N ASN A 362 -0.66 28.39 51.39
CA ASN A 362 0.22 28.71 52.51
C ASN A 362 1.68 28.71 52.11
N PRO A 363 2.14 29.71 51.37
CA PRO A 363 3.57 29.79 51.07
C PRO A 363 4.36 30.06 52.33
N VAL A 364 5.60 29.59 52.36
CA VAL A 364 6.37 29.65 53.59
C VAL A 364 7.85 29.65 53.23
N ILE A 365 8.62 30.45 53.97
CA ILE A 365 10.06 30.48 53.86
C ILE A 365 10.64 29.57 54.93
N THR A 366 11.50 28.63 54.55
CA THR A 366 12.12 27.73 55.51
C THR A 366 13.60 27.98 55.68
N GLU A 367 14.30 28.20 54.57
CA GLU A 367 15.71 28.57 54.61
C GLU A 367 15.92 29.77 55.52
N SER A 368 16.90 29.67 56.41
CA SER A 368 17.14 30.70 57.41
C SER A 368 18.36 31.55 57.11
N THR A 369 18.97 31.39 55.94
CA THR A 369 20.02 32.30 55.52
C THR A 369 19.40 33.60 55.02
N GLU A 370 20.25 34.57 54.70
CA GLU A 370 19.74 35.91 54.45
C GLU A 370 19.11 36.03 53.07
N ASN A 371 19.52 35.21 52.11
CA ASN A 371 18.99 35.30 50.74
C ASN A 371 18.35 33.97 50.37
N SER A 372 17.09 33.79 50.73
CA SER A 372 16.38 32.53 50.54
C SER A 372 15.28 32.73 49.51
N LYS A 373 15.47 32.19 48.32
CA LYS A 373 14.49 32.35 47.26
C LYS A 373 13.32 31.39 47.46
N MET A 374 12.18 31.76 46.88
CA MET A 374 10.98 30.96 46.98
C MET A 374 10.07 31.32 45.82
N MET A 375 9.28 30.35 45.35
CA MET A 375 8.49 30.51 44.14
C MET A 375 7.03 30.22 44.45
N LEU A 376 6.17 31.20 44.18
CA LEU A 376 4.74 31.08 44.42
C LEU A 376 4.01 30.80 43.13
N GLU A 377 2.68 30.81 43.20
CA GLU A 377 1.85 30.81 42.01
C GLU A 377 0.47 31.30 42.40
N LEU A 378 0.02 32.38 41.77
CA LEU A 378 -1.25 32.99 42.07
C LEU A 378 -2.21 32.79 40.90
N ASP A 379 -3.45 33.19 41.10
CA ASP A 379 -4.49 33.09 40.07
C ASP A 379 -5.23 34.42 40.06
N PRO A 380 -4.77 35.38 39.28
CA PRO A 380 -5.27 36.75 39.39
C PRO A 380 -6.73 36.84 38.99
N PRO A 381 -7.39 37.96 39.29
CA PRO A 381 -8.73 38.20 38.76
C PRO A 381 -8.65 38.79 37.35
N PHE A 382 -9.75 38.68 36.63
CA PHE A 382 -9.81 39.19 35.27
C PHE A 382 -9.74 40.70 35.29
N GLY A 383 -8.79 41.26 34.57
CA GLY A 383 -8.55 42.68 34.58
C GLY A 383 -7.22 43.00 35.24
N ASP A 384 -6.96 44.28 35.41
CA ASP A 384 -5.71 44.72 36.02
C ASP A 384 -5.82 44.67 37.54
N SER A 385 -4.70 44.36 38.18
CA SER A 385 -4.64 44.20 39.63
C SER A 385 -3.19 44.21 40.07
N TYR A 386 -2.98 44.31 41.37
CA TYR A 386 -1.65 44.42 41.95
C TYR A 386 -1.31 43.16 42.72
N ILE A 387 -0.01 42.86 42.80
CA ILE A 387 0.48 41.69 43.53
C ILE A 387 1.26 42.19 44.73
N VAL A 388 0.61 42.25 45.88
CA VAL A 388 1.22 42.79 47.09
C VAL A 388 1.89 41.65 47.84
N ILE A 389 3.19 41.78 48.09
CA ILE A 389 3.95 40.76 48.81
C ILE A 389 4.68 41.43 49.96
N GLY A 390 4.07 41.43 51.14
CA GLY A 390 4.69 42.00 52.31
C GLY A 390 3.68 42.73 53.17
N VAL A 391 4.17 43.22 54.31
CA VAL A 391 3.36 43.96 55.27
C VAL A 391 4.13 45.18 55.72
N GLY A 392 3.40 46.26 55.97
CA GLY A 392 4.01 47.50 56.40
C GLY A 392 4.15 48.49 55.26
N ASP A 393 5.31 49.15 55.18
CA ASP A 393 5.59 50.09 54.11
C ASP A 393 6.70 49.63 53.18
N LYS A 394 7.44 48.60 53.56
CA LYS A 394 8.46 48.00 52.70
C LYS A 394 7.91 46.85 51.87
N LYS A 395 6.61 46.87 51.59
CA LYS A 395 6.01 45.85 50.75
C LYS A 395 6.24 46.17 49.28
N ILE A 396 6.49 45.13 48.50
CA ILE A 396 6.71 45.27 47.07
C ILE A 396 5.40 45.03 46.36
N THR A 397 5.22 45.70 45.23
CA THR A 397 4.01 45.59 44.44
C THR A 397 4.41 45.36 42.98
N HIS A 398 3.47 44.84 42.21
CA HIS A 398 3.71 44.57 40.79
C HIS A 398 2.38 44.64 40.07
N HIS A 399 2.29 45.47 39.05
CA HIS A 399 1.05 45.59 38.29
C HIS A 399 0.89 44.38 37.39
N TRP A 400 -0.27 43.72 37.46
CA TRP A 400 -0.56 42.59 36.61
C TRP A 400 -1.88 42.82 35.89
N HIS A 401 -1.93 42.41 34.62
CA HIS A 401 -3.14 42.53 33.81
C HIS A 401 -3.42 41.17 33.18
N ARG A 402 -4.46 40.51 33.66
CA ARG A 402 -4.85 39.20 33.14
C ARG A 402 -5.90 39.41 32.05
N SER A 403 -5.48 39.24 30.80
CA SER A 403 -6.37 39.46 29.67
C SER A 403 -7.31 38.28 29.51
N GLY A 404 -8.61 38.56 29.48
CA GLY A 404 -9.59 37.51 29.27
C GLY A 404 -10.94 37.94 29.81
N SER A 405 -11.79 36.94 30.02
CA SER A 405 -13.13 37.16 30.55
C SER A 405 -13.64 35.85 31.11
N THR A 406 -14.66 35.94 31.97
CA THR A 406 -15.22 34.73 32.55
C THR A 406 -15.93 33.88 31.50
N ILE A 407 -16.52 34.51 30.49
CA ILE A 407 -17.12 33.76 29.39
C ILE A 407 -16.05 33.00 28.62
N GLY A 408 -14.90 33.64 28.38
CA GLY A 408 -13.80 32.93 27.77
C GLY A 408 -13.28 31.80 28.63
N LYS A 409 -13.23 32.02 29.94
CA LYS A 409 -12.90 30.95 30.88
C LYS A 409 -13.83 29.76 30.69
N ALA A 410 -15.13 30.01 30.65
CA ALA A 410 -16.09 28.92 30.59
C ALA A 410 -16.01 28.19 29.25
N PHE A 411 -15.84 28.93 28.16
CA PHE A 411 -15.72 28.27 26.85
C PHE A 411 -14.41 27.48 26.75
N GLU A 412 -13.32 28.04 27.26
CA GLU A 412 -12.06 27.32 27.29
C GLU A 412 -12.18 26.03 28.07
N ALA A 413 -12.81 26.09 29.25
CA ALA A 413 -12.98 24.89 30.06
C ALA A 413 -13.88 23.88 29.38
N THR A 414 -14.90 24.36 28.65
CA THR A 414 -15.77 23.43 27.92
C THR A 414 -15.01 22.73 26.80
N VAL A 415 -14.17 23.46 26.07
CA VAL A 415 -13.35 22.83 25.04
C VAL A 415 -12.37 21.83 25.65
N ARG A 416 -11.77 22.20 26.79
CA ARG A 416 -10.90 21.27 27.49
C ARG A 416 -11.64 19.98 27.84
N GLY A 417 -12.83 20.11 28.41
CA GLY A 417 -13.59 18.94 28.80
C GLY A 417 -14.02 18.10 27.61
N ALA A 418 -14.36 18.75 26.50
CA ALA A 418 -14.74 18.01 25.31
C ALA A 418 -13.56 17.23 24.75
N LYS A 419 -12.37 17.85 24.72
CA LYS A 419 -11.20 17.10 24.27
C LYS A 419 -10.91 15.93 25.19
N ARG A 420 -11.02 16.13 26.50
CA ARG A 420 -10.79 15.03 27.43
C ARG A 420 -11.80 13.92 27.22
N MET A 421 -13.04 14.27 26.88
CA MET A 421 -14.06 13.26 26.67
C MET A 421 -13.87 12.54 25.35
N ALA A 422 -13.31 13.21 24.35
CA ALA A 422 -13.03 12.56 23.08
C ALA A 422 -11.79 11.67 23.16
N VAL A 423 -10.87 11.97 24.08
CA VAL A 423 -9.67 11.16 24.22
C VAL A 423 -9.90 9.98 25.16
N LEU A 424 -10.31 10.25 26.40
CA LEU A 424 -10.50 9.19 27.37
C LEU A 424 -11.79 8.42 27.13
N GLY A 425 -12.84 9.11 26.70
CA GLY A 425 -14.08 8.44 26.38
C GLY A 425 -15.00 8.27 27.56
N ASP A 426 -14.99 7.08 28.14
CA ASP A 426 -15.85 6.78 29.28
C ASP A 426 -15.27 7.34 30.57
N THR A 427 -13.98 7.11 30.81
CA THR A 427 -13.33 7.51 32.04
C THR A 427 -13.27 9.01 32.23
N ALA A 428 -13.69 9.79 31.24
CA ALA A 428 -13.68 11.24 31.40
C ALA A 428 -14.69 11.73 32.42
N TRP A 429 -15.57 10.86 32.89
CA TRP A 429 -16.52 11.22 33.93
C TRP A 429 -15.96 11.00 35.33
N ASP A 430 -14.72 10.56 35.43
CA ASP A 430 -14.06 10.33 36.71
C ASP A 430 -12.86 11.25 36.89
N PHE A 431 -12.90 12.45 36.35
CA PHE A 431 -11.72 13.30 36.44
C PHE A 431 -11.67 14.19 37.66
N GLY A 432 -12.81 14.67 38.13
CA GLY A 432 -12.81 15.46 39.34
C GLY A 432 -13.89 14.98 40.26
N SER A 433 -14.52 13.88 39.86
CA SER A 433 -15.72 13.40 40.53
C SER A 433 -15.41 13.05 41.98
N VAL A 434 -16.39 13.29 42.84
CA VAL A 434 -16.36 12.87 44.24
C VAL A 434 -17.46 11.86 44.53
N GLY A 435 -18.13 11.34 43.51
CA GLY A 435 -19.27 10.48 43.71
C GLY A 435 -20.54 11.29 43.60
N GLY A 436 -21.62 10.65 43.17
CA GLY A 436 -22.90 11.30 43.10
C GLY A 436 -23.90 10.47 42.34
N VAL A 437 -25.02 11.11 41.98
CA VAL A 437 -26.00 10.49 41.09
C VAL A 437 -25.91 11.07 39.69
N PHE A 438 -24.95 11.94 39.44
CA PHE A 438 -24.65 12.43 38.09
C PHE A 438 -23.30 11.94 37.59
N ASN A 439 -22.23 12.13 38.35
CA ASN A 439 -20.93 11.62 37.94
C ASN A 439 -20.81 10.12 38.14
N SER A 440 -21.93 9.44 38.40
CA SER A 440 -21.96 7.98 38.45
C SER A 440 -23.09 7.38 37.62
N LEU A 441 -24.12 8.16 37.31
CA LEU A 441 -25.16 7.69 36.41
C LEU A 441 -24.88 8.11 34.97
N GLY A 442 -24.49 9.37 34.78
CA GLY A 442 -24.02 9.81 33.48
C GLY A 442 -22.90 8.95 32.94
N LYS A 443 -22.03 8.45 33.81
CA LYS A 443 -21.00 7.53 33.37
C LYS A 443 -21.59 6.23 32.85
N GLY A 444 -22.68 5.75 33.45
CA GLY A 444 -23.32 4.56 32.93
C GLY A 444 -23.93 4.78 31.56
N ILE A 445 -24.62 5.90 31.38
CA ILE A 445 -25.22 6.20 30.08
C ILE A 445 -24.14 6.39 29.02
N HIS A 446 -23.06 7.08 29.38
CA HIS A 446 -21.94 7.27 28.46
C HIS A 446 -21.26 5.95 28.15
N GLN A 447 -21.22 5.03 29.10
CA GLN A 447 -20.64 3.72 28.85
C GLN A 447 -21.49 2.91 27.88
N ILE A 448 -22.81 2.99 28.03
CA ILE A 448 -23.70 2.30 27.10
C ILE A 448 -23.52 2.86 25.68
N PHE A 449 -23.55 4.19 25.56
CA PHE A 449 -23.34 4.80 24.25
C PHE A 449 -21.97 4.45 23.69
N GLY A 450 -20.95 4.39 24.55
CA GLY A 450 -19.61 4.10 24.07
C GLY A 450 -19.48 2.69 23.55
N ALA A 451 -20.08 1.72 24.25
CA ALA A 451 -20.06 0.35 23.74
C ALA A 451 -20.84 0.24 22.44
N ALA A 452 -22.03 0.82 22.39
CA ALA A 452 -22.85 0.74 21.18
C ALA A 452 -22.32 1.58 20.03
N PHE A 453 -21.35 2.44 20.27
CA PHE A 453 -20.71 3.21 19.21
C PHE A 453 -19.38 2.63 18.78
N LYS A 454 -18.58 2.10 19.70
CA LYS A 454 -17.35 1.45 19.33
C LYS A 454 -17.59 0.07 18.74
N SER A 455 -18.78 -0.51 18.98
CA SER A 455 -19.13 -1.73 18.27
C SER A 455 -19.83 -1.47 16.95
N LEU A 456 -20.49 -0.31 16.81
CA LEU A 456 -21.21 -0.02 15.58
C LEU A 456 -20.27 0.53 14.51
N PHE A 457 -19.71 1.71 14.75
CA PHE A 457 -18.77 2.27 13.76
C PHE A 457 -17.37 1.70 13.99
N GLY A 458 -16.72 2.12 15.07
CA GLY A 458 -15.60 1.40 15.66
C GLY A 458 -14.46 0.99 14.74
N GLY A 459 -14.57 1.28 13.45
CA GLY A 459 -13.63 0.76 12.49
C GLY A 459 -13.34 1.71 11.36
N MET A 460 -13.63 2.99 11.57
CA MET A 460 -13.42 3.99 10.55
C MET A 460 -12.25 4.88 10.93
N SER A 461 -11.57 5.39 9.91
CA SER A 461 -10.44 6.27 10.12
C SER A 461 -10.93 7.72 10.17
N TRP A 462 -9.99 8.65 10.21
CA TRP A 462 -10.34 10.07 10.27
C TRP A 462 -11.12 10.49 9.03
N PHE A 463 -10.63 10.13 7.84
CA PHE A 463 -11.28 10.56 6.61
C PHE A 463 -12.67 9.96 6.48
N SER A 464 -12.79 8.66 6.72
CA SER A 464 -14.09 8.02 6.59
C SER A 464 -15.07 8.51 7.65
N GLN A 465 -14.58 8.86 8.83
CA GLN A 465 -15.47 9.46 9.83
C GLN A 465 -16.00 10.79 9.34
N ILE A 466 -15.14 11.64 8.78
CA ILE A 466 -15.60 12.89 8.19
C ILE A 466 -16.65 12.61 7.11
N LEU A 467 -16.39 11.63 6.24
CA LEU A 467 -17.32 11.31 5.16
C LEU A 467 -18.68 10.93 5.69
N ILE A 468 -18.75 9.90 6.55
CA ILE A 468 -20.03 9.45 7.06
C ILE A 468 -20.67 10.48 7.97
N GLY A 469 -19.88 11.36 8.56
CA GLY A 469 -20.47 12.43 9.36
C GLY A 469 -21.20 13.43 8.50
N THR A 470 -20.61 13.82 7.37
CA THR A 470 -21.32 14.69 6.44
C THR A 470 -22.56 14.00 5.89
N LEU A 471 -22.44 12.72 5.56
CA LEU A 471 -23.59 11.99 5.05
C LEU A 471 -24.72 11.95 6.06
N LEU A 472 -24.39 11.71 7.33
CA LEU A 472 -25.42 11.62 8.35
C LEU A 472 -26.01 12.98 8.68
N VAL A 473 -25.21 14.04 8.67
CA VAL A 473 -25.77 15.37 8.93
C VAL A 473 -26.69 15.77 7.79
N TRP A 474 -26.39 15.33 6.57
CA TRP A 474 -27.32 15.65 5.48
C TRP A 474 -28.56 14.79 5.55
N LEU A 475 -28.45 13.54 6.00
CA LEU A 475 -29.65 12.77 6.27
C LEU A 475 -30.45 13.33 7.43
N GLY A 476 -29.82 14.14 8.27
CA GLY A 476 -30.55 14.78 9.35
C GLY A 476 -31.28 16.02 8.88
N LEU A 477 -30.61 16.88 8.12
CA LEU A 477 -31.28 18.08 7.61
C LEU A 477 -32.37 17.77 6.58
N ASN A 478 -32.52 16.52 6.18
CA ASN A 478 -33.63 16.10 5.33
C ASN A 478 -34.33 14.92 5.99
N THR A 479 -35.30 14.35 5.30
CA THR A 479 -36.04 13.17 5.76
C THR A 479 -36.63 13.43 7.16
N LYS A 480 -37.54 14.40 7.19
CA LYS A 480 -38.12 14.84 8.45
C LYS A 480 -38.95 13.73 9.09
N ASN A 481 -38.56 13.35 10.29
CA ASN A 481 -39.13 12.22 11.02
C ASN A 481 -38.61 12.29 12.44
N GLY A 482 -38.94 11.27 13.25
CA GLY A 482 -38.39 11.18 14.59
C GLY A 482 -36.96 10.69 14.62
N SER A 483 -36.51 10.05 13.55
CA SER A 483 -35.11 9.61 13.41
C SER A 483 -34.28 10.67 12.70
N ILE A 484 -34.31 11.88 13.24
CA ILE A 484 -33.45 12.96 12.77
C ILE A 484 -32.47 13.42 13.84
N SER A 485 -32.91 13.56 15.09
CA SER A 485 -31.96 13.73 16.17
C SER A 485 -31.01 12.54 16.25
N LEU A 486 -31.47 11.36 15.84
CA LEU A 486 -30.62 10.18 15.85
C LEU A 486 -29.51 10.28 14.79
N THR A 487 -29.78 10.89 13.64
CA THR A 487 -28.77 11.05 12.62
C THR A 487 -28.07 12.40 12.70
N CYS A 488 -28.40 13.22 13.68
CA CYS A 488 -27.60 14.40 13.98
C CYS A 488 -26.70 14.22 15.19
N LEU A 489 -27.13 13.49 16.21
CA LEU A 489 -26.21 13.14 17.30
C LEU A 489 -25.12 12.22 16.78
N ALA A 490 -25.44 11.36 15.81
CA ALA A 490 -24.43 10.59 15.11
C ALA A 490 -23.69 11.41 14.06
N LEU A 491 -23.96 12.71 13.97
CA LEU A 491 -23.06 13.62 13.28
C LEU A 491 -22.09 14.25 14.26
N GLY A 492 -22.59 14.60 15.46
CA GLY A 492 -21.70 15.14 16.47
C GLY A 492 -20.68 14.13 16.93
N GLY A 493 -21.15 12.96 17.35
CA GLY A 493 -20.26 11.92 17.83
C GLY A 493 -19.29 11.41 16.80
N VAL A 494 -19.36 11.94 15.57
CA VAL A 494 -18.43 11.56 14.52
C VAL A 494 -17.60 12.73 14.02
N MET A 495 -18.05 13.96 14.23
CA MET A 495 -17.20 15.11 13.91
C MET A 495 -16.31 15.51 15.08
N ILE A 496 -16.89 15.63 16.28
CA ILE A 496 -16.05 16.02 17.41
C ILE A 496 -15.13 14.87 17.82
N PHE A 497 -15.56 13.62 17.63
CA PHE A 497 -14.68 12.51 17.98
C PHE A 497 -13.39 12.58 17.18
N LEU A 498 -13.51 12.82 15.88
CA LEU A 498 -12.37 13.24 15.07
C LEU A 498 -12.74 14.45 14.23
N SER A 499 -11.81 15.37 14.09
CA SER A 499 -11.88 16.84 14.03
C SER A 499 -11.70 17.50 15.39
N THR A 500 -11.28 16.77 16.41
CA THR A 500 -10.57 17.37 17.55
C THR A 500 -9.28 16.61 17.82
N ALA A 501 -8.51 16.38 16.76
CA ALA A 501 -7.25 15.65 16.87
C ALA A 501 -6.10 16.49 16.32
N ALA B 1 1.63 -10.36 0.04
CA ALA B 1 2.17 -9.18 0.70
C ALA B 1 1.62 -7.93 0.07
N VAL B 2 0.70 -8.11 -0.89
CA VAL B 2 0.10 -6.96 -1.57
C VAL B 2 -1.13 -6.43 -0.85
N THR B 3 -1.53 -7.05 0.26
CA THR B 3 -2.74 -6.68 0.98
C THR B 3 -2.43 -6.37 2.45
N LEU B 4 -1.41 -5.55 2.69
CA LEU B 4 -1.09 -5.17 4.05
C LEU B 4 -2.27 -4.43 4.65
N PRO B 5 -2.89 -4.94 5.71
CA PRO B 5 -4.10 -4.30 6.24
C PRO B 5 -3.74 -3.05 7.04
N SER B 6 -4.39 -1.95 6.72
CA SER B 6 -4.06 -0.69 7.37
C SER B 6 -4.47 -0.73 8.83
N HIS B 7 -3.63 -0.15 9.68
CA HIS B 7 -3.88 -0.09 11.11
C HIS B 7 -4.54 1.19 11.54
N SER B 8 -4.94 2.05 10.60
CA SER B 8 -5.60 3.29 10.97
C SER B 8 -7.05 3.07 11.35
N THR B 9 -7.57 1.86 11.16
CA THR B 9 -8.90 1.55 11.64
C THR B 9 -8.90 1.37 13.15
N ARG B 10 -7.92 0.65 13.67
CA ARG B 10 -7.80 0.41 15.11
C ARG B 10 -6.86 1.45 15.75
N LYS B 11 -7.16 2.72 15.49
CA LYS B 11 -6.31 3.79 15.98
C LYS B 11 -6.37 3.86 17.50
N LEU B 12 -5.20 3.77 18.14
CA LEU B 12 -5.11 3.92 19.58
C LEU B 12 -5.25 5.39 19.92
N GLN B 13 -6.26 5.73 20.70
CA GLN B 13 -6.57 7.12 21.00
C GLN B 13 -5.91 7.53 22.31
N THR B 14 -4.96 8.45 22.24
CA THR B 14 -4.26 8.98 23.40
C THR B 14 -4.02 10.47 23.20
N ARG B 15 -3.20 11.06 24.06
CA ARG B 15 -2.82 12.45 23.89
C ARG B 15 -1.76 12.61 22.81
N SER B 16 -0.68 11.85 22.91
CA SER B 16 0.38 11.92 21.90
C SER B 16 -0.13 11.41 20.57
N GLN B 17 0.47 11.91 19.50
CA GLN B 17 0.04 11.51 18.17
C GLN B 17 0.51 10.10 17.86
N THR B 18 -0.20 9.46 16.95
CA THR B 18 0.09 8.08 16.58
C THR B 18 1.30 8.07 15.66
N TRP B 19 1.55 6.93 15.00
CA TRP B 19 2.79 6.76 14.26
C TRP B 19 2.92 7.80 13.15
N LEU B 20 2.03 7.77 12.17
CA LEU B 20 2.06 8.73 11.07
C LEU B 20 0.74 9.48 11.10
N GLU B 21 0.68 10.54 11.90
CA GLU B 21 -0.56 11.30 12.00
C GLU B 21 -0.55 12.57 11.19
N SER B 22 0.60 13.22 11.04
CA SER B 22 0.66 14.36 10.14
C SER B 22 0.36 13.93 8.72
N ARG B 23 0.85 12.76 8.33
CA ARG B 23 0.67 12.22 6.99
C ARG B 23 -0.56 11.33 6.93
N GLU B 24 -1.68 11.82 7.43
CA GLU B 24 -2.90 11.02 7.51
C GLU B 24 -4.15 11.73 7.06
N TYR B 25 -4.17 13.06 7.08
CA TYR B 25 -5.35 13.78 6.60
C TYR B 25 -5.35 13.86 5.09
N THR B 26 -4.19 14.11 4.48
CA THR B 26 -4.06 14.23 3.04
C THR B 26 -3.51 12.96 2.40
N LYS B 27 -3.89 11.80 2.92
CA LYS B 27 -3.44 10.54 2.33
C LYS B 27 -4.41 10.03 1.28
N HIS B 28 -5.71 10.12 1.54
CA HIS B 28 -6.71 9.66 0.58
C HIS B 28 -7.10 10.73 -0.41
N LEU B 29 -7.11 11.99 0.00
CA LEU B 29 -7.41 13.06 -0.94
C LEU B 29 -6.40 13.11 -2.07
N ILE B 30 -5.13 12.85 -1.76
CA ILE B 30 -4.12 12.87 -2.81
C ILE B 30 -4.30 11.70 -3.76
N LYS B 31 -4.56 10.51 -3.22
CA LYS B 31 -4.78 9.35 -4.07
C LYS B 31 -6.02 9.52 -4.95
N VAL B 32 -7.01 10.26 -4.47
CA VAL B 32 -8.21 10.46 -5.29
C VAL B 32 -7.97 11.55 -6.34
N GLU B 33 -7.30 12.64 -5.95
CA GLU B 33 -7.11 13.72 -6.91
C GLU B 33 -6.11 13.34 -7.99
N ASN B 34 -5.11 12.51 -7.69
CA ASN B 34 -4.20 12.07 -8.74
C ASN B 34 -4.92 11.23 -9.77
N TRP B 35 -5.82 10.36 -9.33
CA TRP B 35 -6.57 9.55 -10.27
C TRP B 35 -7.53 10.39 -11.08
N ILE B 36 -8.24 11.33 -10.44
CA ILE B 36 -9.16 12.17 -11.19
C ILE B 36 -8.39 13.05 -12.18
N PHE B 37 -7.15 13.42 -11.84
CA PHE B 37 -6.36 14.24 -12.75
C PHE B 37 -5.82 13.43 -13.91
N ARG B 38 -5.48 12.17 -13.68
CA ARG B 38 -4.94 11.35 -14.76
C ARG B 38 -6.03 10.78 -15.66
N ASN B 39 -7.25 10.61 -15.16
CA ASN B 39 -8.34 10.01 -15.90
C ASN B 39 -9.57 10.90 -15.82
N PRO B 40 -9.62 11.95 -16.63
CA PRO B 40 -10.74 12.90 -16.53
C PRO B 40 -12.02 12.39 -17.17
N GLY B 41 -11.92 11.59 -18.22
CA GLY B 41 -13.12 11.10 -18.88
C GLY B 41 -14.02 10.30 -17.96
N PHE B 42 -13.44 9.70 -16.93
CA PHE B 42 -14.27 8.98 -15.98
C PHE B 42 -15.19 9.91 -15.22
N THR B 43 -14.83 11.19 -15.09
CA THR B 43 -15.80 12.14 -14.53
C THR B 43 -17.09 12.13 -15.34
N LEU B 44 -16.97 12.14 -16.67
CA LEU B 44 -18.15 12.14 -17.51
C LEU B 44 -18.89 10.81 -17.43
N VAL B 45 -18.17 9.69 -17.47
CA VAL B 45 -18.89 8.42 -17.45
C VAL B 45 -19.47 8.15 -16.06
N ALA B 46 -19.01 8.85 -15.05
CA ALA B 46 -19.63 8.77 -13.72
C ALA B 46 -20.84 9.68 -13.58
N VAL B 47 -20.77 10.89 -14.13
CA VAL B 47 -21.94 11.75 -14.17
C VAL B 47 -23.08 11.07 -14.91
N ALA B 48 -22.75 10.38 -16.01
CA ALA B 48 -23.79 9.69 -16.78
C ALA B 48 -24.50 8.64 -15.95
N ILE B 49 -23.75 7.78 -15.27
CA ILE B 49 -24.36 6.70 -14.50
C ILE B 49 -25.09 7.26 -13.28
N ALA B 50 -24.54 8.29 -12.64
CA ALA B 50 -25.23 8.91 -11.52
C ALA B 50 -26.57 9.48 -11.95
N TRP B 51 -26.60 10.19 -13.07
CA TRP B 51 -27.84 10.76 -13.58
C TRP B 51 -28.82 9.68 -14.05
N LEU B 52 -28.33 8.55 -14.52
CA LEU B 52 -29.20 7.45 -14.92
C LEU B 52 -29.71 6.63 -13.75
N LEU B 53 -29.08 6.73 -12.59
CA LEU B 53 -29.51 5.95 -11.42
C LEU B 53 -30.34 6.77 -10.44
N GLY B 54 -29.90 7.97 -10.09
CA GLY B 54 -30.56 8.73 -9.04
C GLY B 54 -31.84 9.40 -9.46
N SER B 55 -32.96 8.94 -8.91
CA SER B 55 -34.26 9.53 -9.25
C SER B 55 -34.34 10.98 -8.77
N SER B 56 -33.92 11.24 -7.54
CA SER B 56 -33.96 12.59 -7.01
C SER B 56 -32.80 13.41 -7.57
N THR B 57 -32.67 14.64 -7.07
CA THR B 57 -31.55 15.47 -7.46
C THR B 57 -30.42 15.43 -6.45
N SER B 58 -30.72 15.17 -5.18
CA SER B 58 -29.72 14.98 -4.15
C SER B 58 -29.41 13.51 -3.93
N GLN B 59 -29.90 12.65 -4.81
CA GLN B 59 -29.57 11.24 -4.84
C GLN B 59 -28.57 10.90 -5.94
N LYS B 60 -28.71 11.53 -7.10
CA LYS B 60 -27.72 11.36 -8.14
C LYS B 60 -26.39 12.00 -7.77
N VAL B 61 -26.41 13.06 -6.98
CA VAL B 61 -25.17 13.65 -6.51
C VAL B 61 -24.44 12.70 -5.58
N ILE B 62 -25.18 12.03 -4.70
CA ILE B 62 -24.58 11.04 -3.82
C ILE B 62 -24.03 9.87 -4.61
N TYR B 63 -24.76 9.42 -5.63
CA TYR B 63 -24.24 8.36 -6.49
C TYR B 63 -22.96 8.79 -7.18
N LEU B 64 -22.91 10.03 -7.66
CA LEU B 64 -21.71 10.52 -8.32
C LEU B 64 -20.53 10.55 -7.38
N VAL B 65 -20.74 11.03 -6.15
CA VAL B 65 -19.65 11.08 -5.18
C VAL B 65 -19.15 9.68 -4.86
N MET B 66 -20.08 8.74 -4.66
CA MET B 66 -19.66 7.39 -4.30
C MET B 66 -18.97 6.69 -5.46
N ILE B 67 -19.34 7.00 -6.70
CA ILE B 67 -18.61 6.43 -7.83
C ILE B 67 -17.21 7.01 -7.92
N LEU B 68 -17.08 8.33 -7.75
CA LEU B 68 -15.77 8.94 -7.80
C LEU B 68 -14.90 8.61 -6.58
N LEU B 69 -15.48 7.99 -5.55
CA LEU B 69 -14.69 7.45 -4.45
C LEU B 69 -14.35 5.99 -4.63
N ILE B 70 -15.25 5.20 -5.24
CA ILE B 70 -14.96 3.79 -5.44
C ILE B 70 -13.96 3.60 -6.56
N ALA B 71 -14.02 4.44 -7.58
CA ALA B 71 -13.15 4.22 -8.74
C ALA B 71 -11.66 4.34 -8.40
N PRO B 72 -11.18 5.42 -7.79
CA PRO B 72 -9.72 5.54 -7.58
C PRO B 72 -9.17 4.62 -6.50
N ALA B 73 -9.98 3.73 -5.94
CA ALA B 73 -9.47 2.69 -5.05
C ALA B 73 -9.73 1.29 -5.56
N TYR B 74 -10.65 1.13 -6.51
CA TYR B 74 -10.96 -0.17 -7.11
C TYR B 74 -11.49 -1.15 -6.08
N SER B 75 -12.11 -0.64 -5.03
CA SER B 75 -12.71 -1.48 -4.00
C SER B 75 -13.50 -0.65 -3.04
N ILE C 1 7.71 -26.50 -38.49
CA ILE C 1 9.03 -26.25 -37.93
C ILE C 1 9.07 -24.88 -37.27
N ARG C 2 9.59 -24.85 -36.04
CA ARG C 2 9.78 -23.67 -35.21
C ARG C 2 8.46 -23.16 -34.68
N CYS C 3 7.35 -23.66 -35.18
CA CYS C 3 6.04 -23.18 -34.75
C CYS C 3 5.03 -24.30 -34.63
N ILE C 4 5.47 -25.55 -34.55
CA ILE C 4 4.57 -26.68 -34.62
C ILE C 4 4.08 -27.11 -33.25
N GLY C 5 4.83 -26.78 -32.19
CA GLY C 5 4.41 -27.13 -30.85
C GLY C 5 3.85 -25.97 -30.06
N VAL C 6 3.90 -24.76 -30.61
CA VAL C 6 3.45 -23.57 -29.91
C VAL C 6 1.95 -23.67 -29.69
N SER C 7 1.50 -23.25 -28.50
CA SER C 7 0.10 -23.31 -28.15
C SER C 7 -0.70 -22.13 -28.65
N ASN C 8 -0.06 -21.13 -29.24
CA ASN C 8 -0.73 -19.93 -29.73
C ASN C 8 -0.40 -19.67 -31.19
N ARG C 9 -0.50 -20.71 -32.01
CA ARG C 9 -0.22 -20.57 -33.42
C ARG C 9 -1.49 -20.17 -34.18
N ASP C 10 -1.32 -19.29 -35.15
CA ASP C 10 -2.42 -18.88 -36.02
C ASP C 10 -2.06 -19.16 -37.47
N PHE C 11 -3.00 -19.69 -38.23
CA PHE C 11 -2.80 -19.99 -39.63
C PHE C 11 -3.38 -18.84 -40.46
N VAL C 12 -2.54 -18.21 -41.27
CA VAL C 12 -2.96 -17.15 -42.17
C VAL C 12 -2.88 -17.70 -43.58
N GLU C 13 -4.02 -17.97 -44.18
CA GLU C 13 -4.09 -18.56 -45.51
C GLU C 13 -4.82 -17.61 -46.45
N GLY C 14 -4.30 -17.50 -47.67
CA GLY C 14 -4.95 -16.68 -48.66
C GLY C 14 -4.36 -15.29 -48.76
N MET C 15 -4.15 -14.83 -49.98
CA MET C 15 -3.56 -13.52 -50.24
C MET C 15 -4.36 -12.83 -51.35
N SER C 16 -3.83 -11.69 -51.81
CA SER C 16 -4.47 -10.93 -52.89
C SER C 16 -3.87 -11.39 -54.22
N GLY C 17 -4.35 -12.55 -54.67
CA GLY C 17 -3.89 -13.12 -55.92
C GLY C 17 -2.45 -13.56 -55.92
N GLY C 18 -1.86 -13.76 -54.74
CA GLY C 18 -0.46 -14.14 -54.63
C GLY C 18 0.49 -13.00 -54.35
N THR C 19 -0.02 -11.83 -53.99
CA THR C 19 0.83 -10.65 -53.84
C THR C 19 1.36 -10.53 -52.41
N TRP C 20 0.48 -10.41 -51.42
CA TRP C 20 0.92 -10.17 -50.06
C TRP C 20 -0.23 -10.44 -49.10
N VAL C 21 0.11 -10.49 -47.82
CA VAL C 21 -0.87 -10.63 -46.76
C VAL C 21 -0.33 -9.94 -45.52
N ASP C 22 -1.22 -9.29 -44.77
CA ASP C 22 -0.85 -8.59 -43.55
C ASP C 22 -0.89 -9.55 -42.37
N VAL C 23 0.09 -9.46 -41.49
CA VAL C 23 0.13 -10.27 -40.28
C VAL C 23 0.54 -9.36 -39.13
N VAL C 24 0.19 -9.77 -37.92
CA VAL C 24 0.55 -9.04 -36.71
C VAL C 24 1.30 -10.01 -35.82
N LEU C 25 2.63 -9.94 -35.86
CA LEU C 25 3.47 -10.85 -35.10
C LEU C 25 3.49 -10.42 -33.63
N GLU C 26 3.11 -11.33 -32.74
CA GLU C 26 3.17 -11.06 -31.32
C GLU C 26 4.27 -11.89 -30.67
N HIS C 27 4.66 -11.48 -29.47
CA HIS C 27 5.65 -12.22 -28.69
C HIS C 27 4.95 -13.41 -28.04
N GLY C 28 5.38 -14.60 -28.44
CA GLY C 28 4.82 -15.80 -27.84
C GLY C 28 3.87 -16.49 -28.78
N GLY C 29 3.45 -15.78 -29.82
CA GLY C 29 2.57 -16.32 -30.83
C GLY C 29 3.25 -16.47 -32.17
N CYS C 30 3.03 -17.63 -32.79
CA CYS C 30 3.59 -17.92 -34.09
C CYS C 30 2.55 -17.72 -35.17
N VAL C 31 3.03 -17.56 -36.40
CA VAL C 31 2.17 -17.36 -37.56
C VAL C 31 2.62 -18.33 -38.64
N THR C 32 1.70 -19.11 -39.17
CA THR C 32 1.98 -20.03 -40.26
C THR C 32 1.27 -19.52 -41.50
N VAL C 33 2.05 -19.04 -42.46
CA VAL C 33 1.49 -18.39 -43.65
C VAL C 33 1.56 -19.37 -44.80
N MET C 34 0.45 -20.05 -45.07
CA MET C 34 0.36 -20.97 -46.19
C MET C 34 -0.30 -20.27 -47.36
N ALA C 35 0.33 -20.34 -48.52
CA ALA C 35 -0.14 -19.67 -49.72
C ALA C 35 -0.74 -20.71 -50.68
N GLN C 36 -1.10 -20.23 -51.87
CA GLN C 36 -1.74 -21.10 -52.85
C GLN C 36 -0.76 -22.11 -53.42
N ASP C 37 0.42 -21.66 -53.83
CA ASP C 37 1.38 -22.47 -54.56
C ASP C 37 2.79 -22.26 -54.02
N LYS C 38 2.90 -21.65 -52.85
CA LYS C 38 4.17 -21.28 -52.28
C LYS C 38 4.41 -22.05 -50.99
N PRO C 39 5.67 -22.28 -50.64
CA PRO C 39 5.96 -23.10 -49.46
C PRO C 39 5.43 -22.46 -48.19
N THR C 40 5.04 -23.30 -47.25
CA THR C 40 4.52 -22.83 -45.98
C THR C 40 5.66 -22.35 -45.11
N VAL C 41 5.62 -21.08 -44.73
CA VAL C 41 6.69 -20.44 -43.95
C VAL C 41 6.14 -20.08 -42.58
N ASP C 42 6.96 -20.24 -41.56
CA ASP C 42 6.59 -19.97 -40.18
C ASP C 42 7.34 -18.76 -39.68
N ILE C 43 6.62 -17.72 -39.27
CA ILE C 43 7.20 -16.46 -38.85
C ILE C 43 6.93 -16.28 -37.37
N GLU C 44 7.94 -15.81 -36.64
CA GLU C 44 7.83 -15.65 -35.20
C GLU C 44 8.71 -14.49 -34.78
N LEU C 45 8.14 -13.58 -34.00
CA LEU C 45 8.89 -12.48 -33.41
C LEU C 45 9.48 -12.97 -32.09
N VAL C 46 10.80 -12.85 -31.94
CA VAL C 46 11.49 -13.44 -30.79
C VAL C 46 11.84 -12.40 -29.73
N THR C 47 12.57 -11.35 -30.09
CA THR C 47 12.99 -10.35 -29.12
C THR C 47 12.70 -8.95 -29.65
N THR C 48 12.67 -8.00 -28.73
CA THR C 48 12.59 -6.57 -29.05
C THR C 48 13.68 -5.89 -28.24
N THR C 49 14.65 -5.31 -28.92
CA THR C 49 15.83 -4.76 -28.25
C THR C 49 15.81 -3.25 -28.31
N VAL C 50 15.64 -2.61 -27.16
CA VAL C 50 15.66 -1.16 -27.06
C VAL C 50 17.06 -0.75 -26.62
N SER C 51 17.67 0.16 -27.37
CA SER C 51 19.05 0.56 -27.12
C SER C 51 19.13 2.06 -26.91
N ASN C 52 20.23 2.49 -26.28
CA ASN C 52 20.56 3.90 -26.13
C ASN C 52 19.45 4.66 -25.41
N MET C 53 19.23 4.28 -24.16
CA MET C 53 18.22 4.92 -23.33
C MET C 53 18.88 5.93 -22.40
N ALA C 54 18.27 7.11 -22.29
CA ALA C 54 18.78 8.18 -21.44
C ALA C 54 17.82 8.42 -20.29
N GLU C 55 18.37 8.49 -19.08
CA GLU C 55 17.55 8.49 -17.87
C GLU C 55 16.94 9.86 -17.62
N VAL C 56 15.86 9.87 -16.86
CA VAL C 56 15.14 11.11 -16.58
C VAL C 56 15.12 11.41 -15.08
N ARG C 57 14.69 10.46 -14.27
CA ARG C 57 14.63 10.65 -12.82
C ARG C 57 15.38 9.53 -12.12
N SER C 58 15.46 9.64 -10.80
CA SER C 58 16.01 8.58 -9.96
C SER C 58 15.40 8.72 -8.57
N TYR C 59 14.38 7.94 -8.28
CA TYR C 59 13.77 7.98 -6.97
C TYR C 59 14.61 7.22 -5.97
N CYS C 60 14.62 7.67 -4.73
CA CYS C 60 15.42 7.08 -3.67
C CYS C 60 14.50 6.30 -2.76
N TYR C 61 14.52 4.98 -2.85
CA TYR C 61 13.57 4.16 -2.13
C TYR C 61 14.10 3.63 -0.81
N GLU C 62 15.29 4.03 -0.39
CA GLU C 62 15.80 3.62 0.92
C GLU C 62 16.83 4.64 1.37
N ALA C 63 16.48 5.42 2.38
CA ALA C 63 17.32 6.52 2.83
C ALA C 63 17.89 6.23 4.21
N SER C 64 18.60 7.21 4.76
CA SER C 64 19.16 7.13 6.10
C SER C 64 19.55 8.52 6.54
N ILE C 65 19.39 8.81 7.83
CA ILE C 65 19.70 10.12 8.38
C ILE C 65 20.93 10.03 9.27
N SER C 66 21.92 10.84 8.94
CA SER C 66 23.13 10.99 9.74
C SER C 66 22.88 12.05 10.82
N ASP C 67 23.95 12.58 11.39
CA ASP C 67 23.91 13.51 12.51
C ASP C 67 22.74 14.48 12.42
N MET C 68 21.98 14.56 13.50
CA MET C 68 20.85 15.48 13.60
C MET C 68 21.07 16.43 14.77
N ALA C 69 20.68 17.69 14.58
CA ALA C 69 20.89 18.73 15.56
C ALA C 69 19.59 19.51 15.72
N SER C 70 19.57 20.43 16.68
CA SER C 70 18.37 21.22 16.92
C SER C 70 18.77 22.53 17.58
N ASP C 71 17.80 23.44 17.66
CA ASP C 71 18.02 24.76 18.24
C ASP C 71 16.67 25.30 18.70
N SER C 72 16.67 26.01 19.82
CA SER C 72 15.44 26.47 20.43
C SER C 72 15.56 27.93 20.85
N ARG C 73 14.49 28.68 20.66
CA ARG C 73 14.44 30.06 21.09
C ARG C 73 13.34 30.22 22.14
N CYS C 74 13.60 31.10 23.10
CA CYS C 74 12.60 31.42 24.10
C CYS C 74 11.38 32.05 23.44
N PRO C 75 10.23 32.03 24.10
CA PRO C 75 9.04 32.67 23.52
C PRO C 75 9.26 34.15 23.31
N THR C 76 8.61 34.68 22.28
CA THR C 76 8.76 36.08 21.88
C THR C 76 10.22 36.49 21.76
N GLN C 77 11.01 35.66 21.09
CA GLN C 77 12.42 35.94 20.84
C GLN C 77 12.82 35.56 19.42
N GLY C 78 11.87 35.60 18.48
CA GLY C 78 12.13 35.20 17.12
C GLY C 78 11.83 33.72 16.92
N GLU C 79 12.48 33.10 15.95
CA GLU C 79 12.39 31.66 15.78
C GLU C 79 13.79 31.09 15.60
N ALA C 80 13.92 29.79 15.85
CA ALA C 80 15.21 29.16 15.93
C ALA C 80 15.89 29.12 14.57
N TYR C 81 17.19 28.86 14.59
CA TYR C 81 17.99 28.86 13.38
C TYR C 81 19.22 27.98 13.59
N LEU C 82 19.48 27.08 12.65
CA LEU C 82 20.69 26.29 12.63
C LEU C 82 21.58 26.74 11.48
N ASP C 83 22.89 26.67 11.69
CA ASP C 83 23.81 26.97 10.59
C ASP C 83 23.62 25.99 9.44
N LYS C 84 23.24 24.76 9.73
CA LYS C 84 23.03 23.73 8.73
C LYS C 84 21.62 23.73 8.17
N GLN C 85 20.95 24.87 8.22
CA GLN C 85 19.62 24.99 7.64
C GLN C 85 19.67 25.52 6.22
N SER C 86 20.70 26.29 5.89
CA SER C 86 20.89 26.74 4.51
C SER C 86 21.62 25.72 3.66
N ASP C 87 21.86 24.52 4.19
CA ASP C 87 22.49 23.44 3.45
C ASP C 87 21.41 22.61 2.78
N THR C 88 21.58 22.36 1.49
CA THR C 88 20.57 21.62 0.72
C THR C 88 20.74 20.11 0.83
N GLN C 89 21.49 19.63 1.82
CA GLN C 89 21.58 18.21 2.09
C GLN C 89 20.85 17.83 3.37
N TYR C 90 20.37 18.81 4.13
CA TYR C 90 19.73 18.58 5.41
C TYR C 90 18.25 18.88 5.29
N VAL C 91 17.42 17.94 5.73
CA VAL C 91 15.98 18.14 5.79
C VAL C 91 15.63 18.62 7.20
N CYS C 92 14.95 19.76 7.27
CA CYS C 92 14.68 20.40 8.55
C CYS C 92 13.20 20.70 8.69
N LYS C 93 12.76 20.93 9.91
CA LYS C 93 11.38 21.26 10.19
C LYS C 93 11.30 22.09 11.46
N ARG C 94 10.52 23.15 11.42
CA ARG C 94 10.35 24.04 12.56
C ARG C 94 8.99 23.81 13.20
N THR C 95 8.96 23.83 14.53
CA THR C 95 7.72 23.67 15.26
C THR C 95 7.82 24.45 16.55
N LEU C 96 6.68 24.59 17.22
CA LEU C 96 6.60 25.31 18.49
C LEU C 96 6.50 24.31 19.63
N VAL C 97 7.37 24.47 20.62
CA VAL C 97 7.36 23.63 21.81
C VAL C 97 7.08 24.51 23.02
N ASP C 98 6.54 23.92 24.06
CA ASP C 98 6.28 24.68 25.27
C ASP C 98 7.58 25.02 25.96
N ARG C 99 7.67 26.23 26.50
CA ARG C 99 8.88 26.74 27.10
C ARG C 99 8.51 27.51 28.34
N GLY C 100 9.24 27.26 29.43
CA GLY C 100 8.91 27.91 30.69
C GLY C 100 10.11 28.23 31.53
N TRP C 101 9.88 28.47 32.83
CA TRP C 101 10.97 28.79 33.73
C TRP C 101 11.84 27.58 34.03
N GLY C 102 11.29 26.37 33.90
CA GLY C 102 12.08 25.19 34.16
C GLY C 102 13.02 24.84 33.02
N ASN C 103 12.66 25.19 31.79
CA ASN C 103 13.47 24.92 30.62
C ASN C 103 14.58 25.94 30.43
N GLY C 104 14.88 26.74 31.45
CA GLY C 104 15.93 27.73 31.35
C GLY C 104 15.51 29.03 30.71
N CYS C 105 14.27 29.15 30.26
CA CYS C 105 13.80 30.37 29.63
C CYS C 105 13.45 31.40 30.69
N GLY C 106 12.76 32.47 30.29
CA GLY C 106 12.34 33.48 31.24
C GLY C 106 10.92 33.95 31.00
N LEU C 107 10.20 33.26 30.13
CA LEU C 107 8.84 33.64 29.79
C LEU C 107 8.08 32.41 29.34
N PHE C 108 6.85 32.25 29.83
CA PHE C 108 6.06 31.08 29.51
C PHE C 108 5.34 31.27 28.18
N GLY C 109 5.29 30.20 27.39
CA GLY C 109 4.64 30.26 26.11
C GLY C 109 5.21 29.22 25.17
N LYS C 110 4.74 29.25 23.92
CA LYS C 110 5.23 28.35 22.90
C LYS C 110 6.52 28.90 22.30
N GLY C 111 7.61 28.17 22.47
CA GLY C 111 8.90 28.59 21.96
C GLY C 111 9.01 28.37 20.48
N SER C 112 10.20 27.99 20.03
CA SER C 112 10.42 27.65 18.64
C SER C 112 11.57 26.66 18.57
N LEU C 113 11.45 25.67 17.69
CA LEU C 113 12.39 24.57 17.63
C LEU C 113 12.57 24.15 16.18
N VAL C 114 13.82 24.05 15.74
CA VAL C 114 14.16 23.61 14.40
C VAL C 114 15.07 22.41 14.51
N THR C 115 14.74 21.34 13.79
CA THR C 115 15.48 20.10 13.83
C THR C 115 16.03 19.79 12.45
N CYS C 116 17.34 19.78 12.30
CA CYS C 116 17.98 19.44 11.05
C CYS C 116 18.48 18.01 11.10
N ALA C 117 18.64 17.41 9.92
CA ALA C 117 19.05 16.01 9.85
C ALA C 117 19.53 15.72 8.44
N LYS C 118 20.74 15.16 8.32
CA LYS C 118 21.38 15.00 7.03
C LYS C 118 20.78 13.82 6.27
N PHE C 119 20.40 14.04 5.02
CA PHE C 119 19.76 13.04 4.20
C PHE C 119 20.77 12.39 3.28
N ALA C 120 21.02 11.10 3.45
CA ALA C 120 21.96 10.36 2.63
C ALA C 120 21.26 9.11 2.11
N CYS C 121 21.18 8.99 0.79
CA CYS C 121 20.44 7.89 0.16
C CYS C 121 21.38 6.74 -0.14
N SER C 122 20.88 5.52 0.04
CA SER C 122 21.67 4.32 -0.20
C SER C 122 21.30 3.56 -1.45
N LYS C 123 20.01 3.49 -1.78
CA LYS C 123 19.54 2.77 -2.96
C LYS C 123 18.59 3.65 -3.74
N LYS C 124 18.56 3.47 -5.06
CA LYS C 124 17.68 4.28 -5.89
C LYS C 124 17.33 3.53 -7.15
N MET C 125 16.22 3.91 -7.77
CA MET C 125 15.75 3.31 -9.01
C MET C 125 15.74 4.36 -10.11
N THR C 126 16.31 4.01 -11.26
CA THR C 126 16.49 4.93 -12.37
C THR C 126 15.46 4.62 -13.45
N GLY C 127 14.87 5.67 -14.01
CA GLY C 127 13.91 5.48 -15.08
C GLY C 127 14.38 6.07 -16.38
N LYS C 128 14.66 5.23 -17.37
CA LYS C 128 15.21 5.68 -18.64
C LYS C 128 14.10 5.75 -19.69
N SER C 129 14.20 6.73 -20.57
CA SER C 129 13.19 6.96 -21.58
C SER C 129 13.50 6.15 -22.83
N ILE C 130 12.45 5.77 -23.55
CA ILE C 130 12.56 4.93 -24.73
C ILE C 130 12.16 5.76 -25.94
N GLN C 131 13.05 5.82 -26.92
CA GLN C 131 12.74 6.53 -28.16
C GLN C 131 12.49 5.53 -29.28
N PRO C 132 11.44 5.72 -30.08
CA PRO C 132 11.07 4.68 -31.05
C PRO C 132 12.07 4.48 -32.18
N GLU C 133 13.06 5.35 -32.36
CA GLU C 133 14.18 5.05 -33.24
C GLU C 133 15.23 4.16 -32.60
N ASN C 134 14.89 3.46 -31.54
CA ASN C 134 15.85 2.55 -30.92
C ASN C 134 15.36 1.11 -30.92
N LEU C 135 14.08 0.87 -31.13
CA LEU C 135 13.57 -0.49 -31.18
C LEU C 135 14.19 -1.23 -32.35
N GLU C 136 14.47 -2.51 -32.14
CA GLU C 136 15.05 -3.36 -33.19
C GLU C 136 14.45 -4.75 -33.01
N TYR C 137 13.34 -5.00 -33.70
CA TYR C 137 12.67 -6.28 -33.58
C TYR C 137 13.43 -7.33 -34.37
N ARG C 138 13.55 -8.51 -33.79
CA ARG C 138 14.20 -9.64 -34.45
C ARG C 138 13.15 -10.69 -34.77
N ILE C 139 13.09 -11.10 -36.04
CA ILE C 139 12.07 -12.00 -36.54
C ILE C 139 12.74 -13.24 -37.08
N MET C 140 12.36 -14.41 -36.57
CA MET C 140 12.92 -15.67 -37.01
C MET C 140 11.94 -16.36 -37.94
N LEU C 141 12.42 -16.78 -39.10
CA LEU C 141 11.61 -17.42 -40.11
C LEU C 141 11.98 -18.89 -40.22
N SER C 142 11.05 -19.67 -40.78
CA SER C 142 11.28 -21.10 -40.94
C SER C 142 10.27 -21.67 -41.91
N VAL C 143 10.74 -22.38 -42.92
CA VAL C 143 9.88 -22.93 -43.96
C VAL C 143 9.73 -24.43 -43.74
N HIS C 144 8.52 -24.93 -43.97
CA HIS C 144 8.27 -26.37 -43.88
C HIS C 144 8.82 -27.03 -45.13
N GLY C 145 9.68 -28.04 -44.93
CA GLY C 145 10.38 -28.63 -46.05
C GLY C 145 11.35 -29.69 -45.60
N SER C 146 12.59 -29.62 -46.10
CA SER C 146 13.59 -30.63 -45.78
C SER C 146 14.09 -30.48 -44.34
N GLN C 147 13.23 -30.71 -43.37
CA GLN C 147 13.61 -30.58 -41.97
C GLN C 147 12.95 -31.69 -41.16
N HIS C 148 13.71 -32.27 -40.24
CA HIS C 148 13.20 -33.30 -39.36
C HIS C 148 13.03 -32.72 -37.95
N SER C 149 12.72 -33.59 -36.99
CA SER C 149 12.43 -33.15 -35.63
C SER C 149 13.55 -32.31 -35.04
N GLY C 150 14.79 -32.61 -35.39
CA GLY C 150 15.92 -31.88 -34.84
C GLY C 150 16.14 -30.52 -35.47
N MET C 151 15.06 -29.89 -35.94
CA MET C 151 15.15 -28.59 -36.61
C MET C 151 14.16 -27.57 -36.06
N ILE C 152 13.42 -27.90 -35.00
CA ILE C 152 12.27 -27.08 -34.61
C ILE C 152 12.72 -25.92 -33.72
N VAL C 153 13.24 -26.24 -32.52
CA VAL C 153 13.81 -25.23 -31.64
C VAL C 153 15.33 -25.19 -31.73
N ASN C 154 15.94 -26.14 -32.41
CA ASN C 154 17.40 -26.17 -32.57
C ASN C 154 17.81 -24.91 -33.31
N ASP C 155 18.39 -23.96 -32.58
CA ASP C 155 18.82 -22.70 -33.15
C ASP C 155 20.29 -22.69 -33.53
N THR C 156 21.02 -23.78 -33.26
CA THR C 156 22.43 -23.85 -33.57
C THR C 156 22.59 -23.95 -35.08
N GLY C 157 22.78 -22.79 -35.72
CA GLY C 157 23.00 -22.73 -37.14
C GLY C 157 21.76 -22.41 -37.96
N TYR C 158 21.65 -21.17 -38.45
CA TYR C 158 20.54 -20.80 -39.31
C TYR C 158 20.98 -20.33 -40.69
N GLU C 159 22.07 -19.55 -40.77
CA GLU C 159 22.45 -18.91 -42.02
C GLU C 159 23.20 -19.85 -42.93
N THR C 160 23.16 -21.15 -42.64
CA THR C 160 23.70 -22.20 -43.50
C THR C 160 22.68 -23.33 -43.67
N ASP C 161 21.39 -23.00 -43.57
CA ASP C 161 20.36 -24.01 -43.46
C ASP C 161 19.33 -24.00 -44.58
N GLU C 162 19.21 -22.88 -45.31
CA GLU C 162 18.23 -22.69 -46.38
C GLU C 162 16.80 -22.66 -45.87
N ASN C 163 16.58 -22.91 -44.58
CA ASN C 163 15.22 -22.97 -44.05
C ASN C 163 14.97 -22.02 -42.91
N ARG C 164 16.01 -21.58 -42.20
CA ARG C 164 15.85 -20.69 -41.07
C ARG C 164 16.66 -19.43 -41.32
N ALA C 165 16.06 -18.28 -41.07
CA ALA C 165 16.74 -17.01 -41.28
C ALA C 165 16.14 -15.97 -40.36
N LYS C 166 16.99 -15.22 -39.68
CA LYS C 166 16.54 -14.16 -38.79
C LYS C 166 16.58 -12.83 -39.53
N VAL C 167 15.64 -11.95 -39.18
CA VAL C 167 15.50 -10.65 -39.81
C VAL C 167 15.39 -9.62 -38.70
N GLU C 168 16.21 -8.59 -38.76
CA GLU C 168 16.17 -7.52 -37.77
C GLU C 168 15.58 -6.27 -38.41
N VAL C 169 14.48 -5.79 -37.85
CA VAL C 169 13.67 -4.74 -38.45
C VAL C 169 13.72 -3.52 -37.53
N THR C 170 14.35 -2.47 -38.01
CA THR C 170 14.50 -1.20 -37.31
C THR C 170 13.66 -0.14 -38.02
N PRO C 171 13.12 0.83 -37.29
CA PRO C 171 12.45 1.95 -37.97
C PRO C 171 13.35 2.74 -38.89
N ASN C 172 14.65 2.47 -38.88
CA ASN C 172 15.55 3.05 -39.87
C ASN C 172 15.58 2.24 -41.16
N SER C 173 15.36 0.93 -41.06
CA SER C 173 15.27 0.05 -42.22
C SER C 173 14.08 -0.87 -42.03
N PRO C 174 12.86 -0.38 -42.27
CA PRO C 174 11.68 -1.18 -41.93
C PRO C 174 11.49 -2.38 -42.81
N ARG C 175 11.69 -2.27 -44.12
CA ARG C 175 11.49 -3.40 -45.01
C ARG C 175 12.81 -4.17 -45.16
N ALA C 176 12.81 -5.42 -44.74
CA ALA C 176 13.96 -6.28 -44.91
C ALA C 176 13.51 -7.59 -45.55
N GLU C 177 14.47 -8.28 -46.17
CA GLU C 177 14.17 -9.48 -46.94
C GLU C 177 15.07 -10.61 -46.46
N ALA C 178 14.47 -11.77 -46.22
CA ALA C 178 15.19 -12.93 -45.72
C ALA C 178 15.53 -13.86 -46.88
N THR C 179 16.78 -14.30 -46.94
CA THR C 179 17.25 -15.18 -48.00
C THR C 179 17.04 -16.62 -47.57
N LEU C 180 16.07 -17.29 -48.17
CA LEU C 180 15.86 -18.72 -47.97
C LEU C 180 16.30 -19.42 -49.25
N GLY C 181 17.49 -20.02 -49.21
CA GLY C 181 18.08 -20.61 -50.39
C GLY C 181 17.24 -21.68 -51.06
N GLY C 182 16.93 -21.49 -52.34
CA GLY C 182 16.11 -22.43 -53.07
C GLY C 182 14.64 -22.11 -53.05
N PHE C 183 14.15 -21.58 -51.93
CA PHE C 183 12.76 -21.18 -51.82
C PHE C 183 12.52 -19.75 -52.28
N GLY C 184 13.58 -18.98 -52.48
CA GLY C 184 13.44 -17.60 -52.89
C GLY C 184 13.82 -16.64 -51.77
N SER C 185 12.92 -15.71 -51.47
CA SER C 185 13.17 -14.74 -50.40
C SER C 185 11.84 -14.12 -50.02
N LEU C 186 11.48 -14.20 -48.74
CA LEU C 186 10.26 -13.58 -48.26
C LEU C 186 10.52 -12.13 -47.92
N GLY C 187 9.62 -11.25 -48.32
CA GLY C 187 9.76 -9.83 -48.05
C GLY C 187 8.82 -9.38 -46.95
N LEU C 188 9.36 -8.63 -45.99
CA LEU C 188 8.61 -8.15 -44.84
C LEU C 188 8.64 -6.63 -44.82
N ASP C 189 7.47 -6.02 -45.01
CA ASP C 189 7.31 -4.57 -45.01
C ASP C 189 6.75 -4.12 -43.66
N CYS C 190 7.60 -4.17 -42.64
CA CYS C 190 7.13 -4.06 -41.27
C CYS C 190 6.66 -2.65 -40.94
N GLU C 191 6.15 -2.51 -39.71
CA GLU C 191 5.72 -1.23 -39.14
C GLU C 191 6.33 -1.12 -37.75
N PRO C 192 7.64 -0.91 -37.66
CA PRO C 192 8.29 -0.97 -36.34
C PRO C 192 8.08 0.25 -35.47
N ARG C 193 7.32 1.24 -35.91
CA ARG C 193 7.06 2.39 -35.04
C ARG C 193 5.75 2.27 -34.29
N THR C 194 4.71 1.77 -34.94
CA THR C 194 3.42 1.60 -34.29
C THR C 194 3.36 0.23 -33.61
N GLY C 195 4.27 0.05 -32.66
CA GLY C 195 4.34 -1.17 -31.89
C GLY C 195 3.56 -1.06 -30.59
N LEU C 196 4.27 -1.10 -29.46
CA LEU C 196 3.64 -1.10 -28.16
C LEU C 196 3.50 0.32 -27.61
N ASP C 197 3.62 1.31 -28.48
CA ASP C 197 3.49 2.72 -28.10
C ASP C 197 4.54 3.10 -27.06
N PHE C 198 5.80 3.07 -27.48
CA PHE C 198 6.91 3.39 -26.61
C PHE C 198 7.09 4.88 -26.37
N SER C 199 6.14 5.73 -26.77
CA SER C 199 6.24 7.13 -26.44
C SER C 199 5.75 7.44 -25.04
N ASP C 200 5.08 6.49 -24.40
CA ASP C 200 4.57 6.63 -23.04
C ASP C 200 5.08 5.52 -22.14
N LEU C 201 6.24 4.95 -22.41
CA LEU C 201 6.80 3.93 -21.56
C LEU C 201 8.20 4.33 -21.16
N TYR C 202 8.59 3.94 -19.95
CA TYR C 202 9.91 4.17 -19.41
C TYR C 202 10.57 2.82 -19.15
N TYR C 203 11.74 2.84 -18.53
CA TYR C 203 12.46 1.62 -18.25
C TYR C 203 12.96 1.69 -16.81
N LEU C 204 12.13 1.25 -15.87
CA LEU C 204 12.52 1.26 -14.47
C LEU C 204 13.68 0.30 -14.25
N THR C 205 14.42 0.52 -13.17
CA THR C 205 15.57 -0.33 -12.85
C THR C 205 15.79 -0.26 -11.34
N MET C 206 15.32 -1.27 -10.61
CA MET C 206 15.35 -1.23 -9.16
C MET C 206 16.02 -2.50 -8.65
N ASN C 207 17.32 -2.41 -8.35
CA ASN C 207 18.07 -3.51 -7.74
C ASN C 207 18.16 -4.70 -8.68
N ASN C 208 18.61 -4.45 -9.91
CA ASN C 208 18.80 -5.48 -10.92
C ASN C 208 17.50 -6.20 -11.25
N LYS C 209 16.42 -5.44 -11.36
CA LYS C 209 15.15 -5.95 -11.86
C LYS C 209 14.53 -4.82 -12.67
N HIS C 210 14.36 -5.01 -13.96
CA HIS C 210 13.91 -3.95 -14.84
C HIS C 210 12.48 -4.17 -15.26
N TRP C 211 11.72 -3.09 -15.39
CA TRP C 211 10.32 -3.13 -15.76
C TRP C 211 10.08 -2.14 -16.90
N LEU C 212 8.87 -2.14 -17.41
CA LEU C 212 8.43 -1.18 -18.41
C LEU C 212 7.26 -0.40 -17.83
N VAL C 213 7.55 0.64 -17.11
CA VAL C 213 6.52 1.38 -16.42
C VAL C 213 5.94 2.42 -17.36
N HIS C 214 4.71 2.83 -17.08
CA HIS C 214 4.09 3.91 -17.82
C HIS C 214 4.70 5.25 -17.40
N LYS C 215 4.74 6.19 -18.33
CA LYS C 215 5.31 7.49 -18.04
C LYS C 215 4.51 8.22 -16.98
N GLU C 216 3.18 8.22 -17.10
CA GLU C 216 2.34 8.90 -16.13
C GLU C 216 2.52 8.31 -14.74
N TRP C 217 2.61 6.99 -14.63
CA TRP C 217 2.83 6.39 -13.33
C TRP C 217 4.20 6.76 -12.78
N PHE C 218 5.22 6.77 -13.63
CA PHE C 218 6.55 7.07 -13.13
C PHE C 218 6.68 8.51 -12.69
N HIS C 219 5.88 9.41 -13.22
CA HIS C 219 5.96 10.82 -12.82
C HIS C 219 5.10 11.16 -11.62
N ASP C 220 4.48 10.17 -10.97
CA ASP C 220 3.64 10.43 -9.81
C ASP C 220 4.13 9.80 -8.52
N ILE C 221 5.25 9.09 -8.54
CA ILE C 221 5.73 8.41 -7.33
C ILE C 221 6.12 9.46 -6.30
N PRO C 222 5.70 9.33 -5.05
CA PRO C 222 6.10 10.26 -3.97
C PRO C 222 7.35 9.83 -3.22
N LEU C 223 8.51 10.00 -3.85
CA LEU C 223 9.77 9.63 -3.25
C LEU C 223 10.80 10.70 -3.62
N PRO C 224 11.88 10.83 -2.85
CA PRO C 224 12.88 11.85 -3.14
C PRO C 224 13.60 11.55 -4.44
N TRP C 225 13.48 12.45 -5.40
CA TRP C 225 14.01 12.25 -6.73
C TRP C 225 15.07 13.30 -7.04
N HIS C 226 15.94 12.98 -8.00
CA HIS C 226 16.83 13.99 -8.54
C HIS C 226 16.78 13.99 -10.05
N ALA C 227 17.56 14.86 -10.67
CA ALA C 227 17.21 15.38 -11.99
C ALA C 227 17.65 14.49 -13.15
N GLY C 228 18.63 13.62 -12.95
CA GLY C 228 19.18 12.94 -14.11
C GLY C 228 20.23 11.89 -13.84
N ALA C 229 21.34 11.96 -14.58
CA ALA C 229 22.36 10.91 -14.56
C ALA C 229 23.43 11.15 -13.52
N ASP C 230 23.08 11.81 -12.42
CA ASP C 230 24.06 12.12 -11.37
C ASP C 230 24.53 10.85 -10.69
N THR C 231 25.84 10.63 -10.70
CA THR C 231 26.46 9.48 -10.05
C THR C 231 27.14 9.86 -8.74
N GLY C 232 27.34 11.16 -8.51
CA GLY C 232 27.99 11.63 -7.32
C GLY C 232 27.00 11.78 -6.19
N THR C 233 26.91 12.97 -5.62
CA THR C 233 25.94 13.23 -4.58
C THR C 233 24.84 14.10 -5.15
N PRO C 234 23.66 13.55 -5.42
CA PRO C 234 22.62 14.34 -6.09
C PRO C 234 22.01 15.37 -5.17
N HIS C 235 20.98 16.06 -5.66
CA HIS C 235 20.35 17.10 -4.87
C HIS C 235 19.14 16.61 -4.09
N TRP C 236 18.44 15.59 -4.57
CA TRP C 236 17.34 14.97 -3.83
C TRP C 236 16.25 15.99 -3.50
N ASN C 237 15.59 16.47 -4.55
CA ASN C 237 14.37 17.24 -4.32
C ASN C 237 13.38 16.39 -3.54
N ASN C 238 12.56 17.06 -2.73
CA ASN C 238 11.49 16.41 -1.98
C ASN C 238 12.03 15.35 -1.03
N LYS C 239 12.92 15.78 -0.13
CA LYS C 239 13.45 14.85 0.86
C LYS C 239 12.41 14.46 1.89
N GLU C 240 11.44 15.33 2.14
CA GLU C 240 10.49 15.16 3.23
C GLU C 240 9.47 14.07 2.98
N ALA C 241 9.63 13.27 1.93
CA ALA C 241 8.74 12.16 1.66
C ALA C 241 9.26 10.85 2.21
N LEU C 242 10.35 10.89 2.98
CA LEU C 242 10.87 9.69 3.63
C LEU C 242 11.22 9.91 5.09
N VAL C 243 11.40 11.15 5.52
CA VAL C 243 11.63 11.45 6.93
C VAL C 243 10.31 11.79 7.58
N GLU C 244 10.26 11.65 8.90
CA GLU C 244 9.04 11.90 9.65
C GLU C 244 9.42 12.57 10.96
N PHE C 245 8.99 13.80 11.15
CA PHE C 245 9.33 14.57 12.33
C PHE C 245 8.20 14.42 13.35
N LYS C 246 8.55 13.93 14.53
CA LYS C 246 7.57 13.67 15.59
C LYS C 246 7.97 14.45 16.83
N ASP C 247 7.07 15.29 17.33
CA ASP C 247 7.25 15.98 18.59
C ASP C 247 6.43 15.26 19.65
N ALA C 248 7.01 15.03 20.82
CA ALA C 248 6.25 14.23 21.77
C ALA C 248 5.18 15.08 22.43
N HIS C 249 5.56 15.92 23.38
CA HIS C 249 4.75 17.06 23.78
C HIS C 249 5.61 18.28 24.09
N ALA C 250 6.79 18.00 24.64
CA ALA C 250 7.64 18.97 25.30
C ALA C 250 8.69 19.45 24.30
N LYS C 251 9.75 20.09 24.80
CA LYS C 251 10.83 20.52 23.94
C LYS C 251 11.59 19.30 23.41
N ARG C 252 10.93 18.55 22.54
CA ARG C 252 11.53 17.39 21.91
C ARG C 252 10.93 17.22 20.53
N GLN C 253 11.77 16.89 19.56
CA GLN C 253 11.32 16.60 18.20
C GLN C 253 12.25 15.57 17.62
N THR C 254 11.76 14.34 17.50
CA THR C 254 12.55 13.25 16.94
C THR C 254 12.30 13.14 15.45
N VAL C 255 13.34 12.79 14.71
CA VAL C 255 13.26 12.60 13.27
C VAL C 255 13.66 11.15 12.97
N VAL C 256 12.76 10.41 12.35
CA VAL C 256 13.00 9.03 11.97
C VAL C 256 12.66 8.87 10.49
N VAL C 257 13.40 8.00 9.82
CA VAL C 257 13.23 7.76 8.40
C VAL C 257 12.36 6.53 8.20
N LEU C 258 11.48 6.58 7.20
CA LEU C 258 10.73 5.39 6.85
C LEU C 258 11.65 4.38 6.19
N GLY C 259 11.30 3.11 6.33
CA GLY C 259 12.17 2.04 5.88
C GLY C 259 12.35 1.97 4.38
N SER C 260 12.80 0.83 3.87
CA SER C 260 13.05 0.68 2.46
C SER C 260 11.74 0.44 1.72
N GLN C 261 11.40 1.34 0.81
CA GLN C 261 10.15 1.27 0.07
C GLN C 261 10.22 0.32 -1.11
N GLU C 262 11.22 -0.57 -1.13
CA GLU C 262 11.37 -1.48 -2.27
C GLU C 262 10.16 -2.37 -2.41
N GLY C 263 9.72 -3.00 -1.31
CA GLY C 263 8.54 -3.85 -1.40
C GLY C 263 7.29 -3.05 -1.65
N ALA C 264 7.21 -1.85 -1.08
CA ALA C 264 6.02 -1.02 -1.25
C ALA C 264 5.84 -0.58 -2.69
N VAL C 265 6.93 -0.49 -3.46
CA VAL C 265 6.81 -0.15 -4.87
C VAL C 265 6.73 -1.41 -5.73
N HIS C 266 7.28 -2.53 -5.27
CA HIS C 266 7.06 -3.80 -5.97
C HIS C 266 5.58 -4.14 -6.01
N THR C 267 4.89 -4.01 -4.89
CA THR C 267 3.46 -4.27 -4.91
C THR C 267 2.67 -3.11 -5.48
N ALA C 268 3.34 -2.02 -5.86
CA ALA C 268 2.67 -0.89 -6.46
C ALA C 268 2.76 -0.89 -7.97
N LEU C 269 3.68 -1.67 -8.54
CA LEU C 269 3.68 -1.80 -10.00
C LEU C 269 2.52 -2.66 -10.45
N ALA C 270 2.57 -3.96 -10.18
CA ALA C 270 1.43 -4.85 -10.33
C ALA C 270 0.72 -4.76 -11.68
N GLY C 271 1.26 -4.03 -12.64
CA GLY C 271 0.68 -4.02 -13.97
C GLY C 271 1.71 -3.81 -15.04
N ALA C 272 2.98 -3.79 -14.64
CA ALA C 272 4.05 -3.40 -15.54
C ALA C 272 4.70 -4.63 -16.15
N LEU C 273 5.10 -4.51 -17.40
CA LEU C 273 5.74 -5.60 -18.11
C LEU C 273 7.16 -5.76 -17.60
N GLU C 274 7.51 -6.97 -17.21
CA GLU C 274 8.87 -7.23 -16.76
C GLU C 274 9.78 -7.40 -17.97
N ALA C 275 10.88 -6.66 -17.97
CA ALA C 275 11.84 -6.75 -19.05
C ALA C 275 13.17 -7.22 -18.49
N GLU C 276 14.17 -7.34 -19.35
CA GLU C 276 15.51 -7.69 -18.94
C GLU C 276 16.50 -6.73 -19.57
N MET C 277 17.78 -7.07 -19.46
CA MET C 277 18.84 -6.20 -19.96
C MET C 277 20.10 -7.03 -20.08
N ASP C 278 20.82 -6.86 -21.19
CA ASP C 278 22.05 -7.59 -21.44
C ASP C 278 23.23 -6.64 -21.60
N GLY C 279 23.29 -5.62 -20.76
CA GLY C 279 24.32 -4.61 -20.90
C GLY C 279 23.72 -3.23 -21.00
N ALA C 280 23.88 -2.59 -22.15
CA ALA C 280 23.31 -1.28 -22.38
C ALA C 280 21.98 -1.32 -23.10
N LYS C 281 21.59 -2.46 -23.66
CA LYS C 281 20.37 -2.59 -24.44
C LYS C 281 19.33 -3.34 -23.63
N GLY C 282 18.09 -2.85 -23.69
CA GLY C 282 17.02 -3.48 -22.95
C GLY C 282 16.21 -4.43 -23.79
N LYS C 283 16.28 -5.72 -23.49
CA LYS C 283 15.62 -6.74 -24.31
C LYS C 283 14.25 -7.05 -23.75
N LEU C 284 13.21 -6.63 -24.45
CA LEU C 284 11.85 -6.94 -24.08
C LEU C 284 11.46 -8.30 -24.65
N PHE C 285 10.49 -8.94 -24.01
CA PHE C 285 9.93 -10.18 -24.51
C PHE C 285 8.41 -10.15 -24.50
N SER C 286 7.83 -8.98 -24.76
CA SER C 286 6.39 -8.84 -24.89
C SER C 286 6.10 -7.61 -25.72
N GLY C 287 5.11 -7.70 -26.55
CA GLY C 287 4.78 -6.64 -27.47
C GLY C 287 4.17 -7.23 -28.73
N HIS C 288 4.28 -6.49 -29.82
CA HIS C 288 3.80 -6.99 -31.10
C HIS C 288 4.28 -6.08 -32.20
N LEU C 289 4.51 -6.67 -33.37
CA LEU C 289 4.88 -5.95 -34.58
C LEU C 289 3.67 -5.94 -35.50
N LYS C 290 3.80 -5.26 -36.64
CA LYS C 290 2.74 -5.26 -37.64
C LYS C 290 3.44 -5.37 -38.99
N CYS C 291 3.25 -6.49 -39.66
CA CYS C 291 4.10 -6.87 -40.78
C CYS C 291 3.25 -7.17 -42.00
N ARG C 292 3.78 -6.87 -43.17
CA ARG C 292 3.16 -7.21 -44.44
C ARG C 292 4.12 -8.09 -45.22
N LEU C 293 3.65 -9.24 -45.69
CA LEU C 293 4.51 -10.26 -46.26
C LEU C 293 4.43 -10.21 -47.78
N LYS C 294 5.42 -9.59 -48.39
CA LYS C 294 5.52 -9.59 -49.85
C LYS C 294 6.08 -10.93 -50.27
N MET C 295 5.23 -11.77 -50.86
CA MET C 295 5.51 -13.18 -51.09
C MET C 295 5.71 -13.49 -52.56
N ASP C 296 6.05 -12.51 -53.38
CA ASP C 296 6.04 -12.72 -54.82
C ASP C 296 7.25 -13.49 -55.32
N LYS C 297 8.39 -13.43 -54.62
CA LYS C 297 9.52 -14.27 -54.99
C LYS C 297 9.78 -15.41 -54.04
N LEU C 298 8.79 -15.84 -53.27
CA LEU C 298 8.89 -17.07 -52.50
C LEU C 298 8.40 -18.22 -53.38
N ARG C 299 9.33 -18.92 -54.00
CA ARG C 299 9.01 -19.96 -54.96
C ARG C 299 9.07 -21.33 -54.30
N LEU C 300 8.35 -22.28 -54.89
CA LEU C 300 8.23 -23.62 -54.36
C LEU C 300 9.36 -24.47 -54.90
N LYS C 301 10.35 -24.77 -54.05
CA LYS C 301 11.48 -25.56 -54.47
C LYS C 301 11.07 -27.03 -54.55
N GLY C 302 11.43 -27.68 -55.64
CA GLY C 302 11.16 -29.09 -55.80
C GLY C 302 9.79 -29.42 -56.34
N VAL C 303 9.30 -28.65 -57.31
CA VAL C 303 8.04 -28.99 -57.96
C VAL C 303 8.29 -29.82 -59.21
N SER C 304 9.52 -29.87 -59.71
CA SER C 304 9.88 -30.63 -60.87
C SER C 304 10.55 -31.96 -60.53
N TYR C 305 10.51 -32.37 -59.27
CA TYR C 305 11.17 -33.61 -58.88
C TYR C 305 10.32 -34.82 -59.25
N SER C 306 10.95 -35.99 -59.20
CA SER C 306 10.27 -37.23 -59.50
C SER C 306 9.78 -37.90 -58.23
N LEU C 307 8.70 -38.67 -58.34
CA LEU C 307 8.10 -39.29 -57.18
C LEU C 307 9.04 -40.32 -56.56
N CYS C 308 8.69 -40.78 -55.38
CA CYS C 308 9.45 -41.80 -54.68
C CYS C 308 9.02 -43.19 -55.14
N THR C 309 9.97 -44.12 -55.08
CA THR C 309 9.67 -45.49 -55.50
C THR C 309 8.94 -46.27 -54.41
N ALA C 310 9.59 -46.48 -53.27
CA ALA C 310 9.00 -47.29 -52.20
C ALA C 310 9.77 -47.18 -50.90
N ALA C 311 9.41 -48.03 -49.93
CA ALA C 311 10.12 -48.19 -48.68
C ALA C 311 10.10 -46.92 -47.83
N PHE C 312 8.91 -46.51 -47.46
CA PHE C 312 8.71 -45.52 -46.41
C PHE C 312 8.42 -46.23 -45.10
N THR C 313 8.76 -45.59 -43.99
CA THR C 313 8.63 -46.22 -42.68
C THR C 313 8.40 -45.17 -41.62
N PHE C 314 7.37 -45.38 -40.80
CA PHE C 314 7.04 -44.46 -39.73
C PHE C 314 8.07 -44.55 -38.61
N THR C 315 8.67 -43.42 -38.28
CA THR C 315 9.32 -43.24 -36.99
C THR C 315 8.66 -42.10 -36.23
N LYS C 316 8.63 -42.18 -34.91
CA LYS C 316 7.95 -41.17 -34.11
C LYS C 316 6.48 -41.08 -34.51
N ILE C 317 5.75 -42.14 -34.15
CA ILE C 317 4.32 -42.30 -34.44
C ILE C 317 3.60 -40.96 -34.34
N PRO C 318 2.73 -40.62 -35.29
CA PRO C 318 2.20 -39.26 -35.39
C PRO C 318 1.55 -38.75 -34.11
N ALA C 319 1.39 -37.44 -34.03
CA ALA C 319 0.84 -36.77 -32.85
C ALA C 319 -0.08 -35.65 -33.29
N GLU C 320 -0.81 -35.08 -32.33
CA GLU C 320 -1.80 -34.05 -32.59
C GLU C 320 -1.40 -32.77 -31.88
N THR C 321 -1.22 -31.70 -32.63
CA THR C 321 -0.60 -30.48 -32.12
C THR C 321 -1.63 -29.45 -31.65
N LEU C 322 -2.51 -29.87 -30.74
CA LEU C 322 -3.39 -28.98 -29.99
C LEU C 322 -4.39 -28.25 -30.88
N HIS C 323 -4.31 -28.42 -32.20
CA HIS C 323 -5.19 -27.74 -33.12
C HIS C 323 -5.82 -28.68 -34.12
N GLY C 324 -5.50 -29.97 -34.06
CA GLY C 324 -5.96 -30.94 -35.02
C GLY C 324 -4.88 -31.38 -35.99
N THR C 325 -3.96 -30.49 -36.32
CA THR C 325 -2.91 -30.83 -37.27
C THR C 325 -2.09 -31.99 -36.76
N VAL C 326 -1.57 -32.80 -37.68
CA VAL C 326 -0.85 -34.02 -37.35
C VAL C 326 0.59 -33.88 -37.81
N THR C 327 1.53 -34.12 -36.91
CA THR C 327 2.93 -34.05 -37.25
C THR C 327 3.47 -35.44 -37.50
N VAL C 328 3.67 -35.78 -38.75
CA VAL C 328 4.17 -37.09 -39.16
C VAL C 328 5.66 -36.97 -39.47
N GLU C 329 6.43 -37.95 -39.04
CA GLU C 329 7.84 -38.05 -39.38
C GLU C 329 8.09 -39.37 -40.08
N VAL C 330 8.63 -39.31 -41.29
CA VAL C 330 8.85 -40.50 -42.09
C VAL C 330 10.35 -40.71 -42.28
N GLN C 331 10.70 -41.85 -42.88
CA GLN C 331 12.10 -42.22 -43.08
C GLN C 331 12.19 -42.99 -44.39
N TYR C 332 12.54 -42.30 -45.46
CA TYR C 332 12.58 -42.91 -46.79
C TYR C 332 13.81 -43.80 -46.91
N ALA C 333 13.59 -45.08 -47.13
CA ALA C 333 14.68 -46.04 -47.31
C ALA C 333 14.94 -46.20 -48.80
N GLY C 334 15.92 -45.48 -49.31
CA GLY C 334 16.22 -45.51 -50.72
C GLY C 334 17.28 -44.50 -51.09
N THR C 335 17.78 -44.63 -52.31
CA THR C 335 18.84 -43.78 -52.84
C THR C 335 18.38 -42.99 -54.06
N ASP C 336 17.06 -42.75 -54.16
CA ASP C 336 16.53 -42.01 -55.30
C ASP C 336 17.11 -40.62 -55.45
N GLY C 337 17.56 -40.02 -54.36
CA GLY C 337 18.07 -38.67 -54.39
C GLY C 337 16.98 -37.67 -54.08
N PRO C 338 17.04 -36.49 -54.69
CA PRO C 338 16.02 -35.47 -54.44
C PRO C 338 14.67 -35.84 -55.06
N CYS C 339 13.90 -36.68 -54.38
CA CYS C 339 12.59 -37.11 -54.84
C CYS C 339 11.50 -36.38 -54.07
N LYS C 340 10.25 -36.71 -54.39
CA LYS C 340 9.08 -36.06 -53.82
C LYS C 340 8.22 -37.08 -53.09
N ILE C 341 7.79 -36.75 -51.89
CA ILE C 341 7.01 -37.67 -51.07
C ILE C 341 5.56 -37.66 -51.53
N PRO C 342 4.98 -38.81 -51.83
CA PRO C 342 3.55 -38.89 -52.23
C PRO C 342 2.60 -39.10 -51.05
N VAL C 343 2.39 -38.05 -50.29
CA VAL C 343 1.58 -38.13 -49.07
C VAL C 343 0.15 -37.68 -49.37
N GLN C 344 -0.80 -38.28 -48.67
CA GLN C 344 -2.21 -37.92 -48.80
C GLN C 344 -2.96 -38.55 -47.65
N MET C 345 -4.19 -38.08 -47.44
CA MET C 345 -5.08 -38.65 -46.45
C MET C 345 -6.36 -39.10 -47.14
N ALA C 346 -6.93 -40.20 -46.68
CA ALA C 346 -8.00 -40.86 -47.43
C ALA C 346 -8.96 -41.57 -46.49
N VAL C 347 -10.26 -41.40 -46.75
CA VAL C 347 -11.27 -42.33 -46.30
C VAL C 347 -11.14 -43.65 -47.06
N ASP C 348 -12.00 -44.61 -46.76
CA ASP C 348 -11.83 -46.04 -47.06
C ASP C 348 -11.01 -46.27 -48.33
N MET C 349 -10.03 -47.15 -48.17
CA MET C 349 -8.84 -47.19 -49.02
C MET C 349 -9.10 -47.72 -50.42
N GLN C 350 -10.37 -47.94 -50.80
CA GLN C 350 -10.65 -48.38 -52.16
C GLN C 350 -10.39 -47.28 -53.17
N THR C 351 -11.04 -46.11 -53.00
CA THR C 351 -10.92 -45.04 -53.98
C THR C 351 -9.72 -44.13 -53.69
N LEU C 352 -9.30 -44.04 -52.43
CA LEU C 352 -8.26 -43.11 -52.01
C LEU C 352 -8.59 -41.68 -52.43
N THR C 353 -9.78 -41.25 -52.09
CA THR C 353 -10.17 -39.87 -52.36
C THR C 353 -9.52 -38.98 -51.30
N PRO C 354 -8.83 -37.91 -51.69
CA PRO C 354 -8.23 -37.02 -50.68
C PRO C 354 -9.31 -36.23 -49.96
N VAL C 355 -9.12 -36.04 -48.66
CA VAL C 355 -10.13 -35.37 -47.86
C VAL C 355 -9.58 -34.22 -47.03
N GLY C 356 -8.29 -34.18 -46.72
CA GLY C 356 -7.75 -33.11 -45.91
C GLY C 356 -6.64 -32.38 -46.63
N ARG C 357 -6.49 -31.10 -46.32
CA ARG C 357 -5.42 -30.34 -46.92
C ARG C 357 -4.10 -30.65 -46.22
N LEU C 358 -3.02 -30.13 -46.78
CA LEU C 358 -1.67 -30.40 -46.29
C LEU C 358 -1.06 -29.08 -45.84
N ILE C 359 -0.66 -29.02 -44.57
CA ILE C 359 -0.09 -27.78 -44.05
C ILE C 359 1.28 -27.53 -44.68
N THR C 360 2.14 -28.53 -44.68
CA THR C 360 3.42 -28.41 -45.37
C THR C 360 3.19 -28.62 -46.86
N ALA C 361 3.44 -27.58 -47.65
CA ALA C 361 3.17 -27.66 -49.08
C ALA C 361 4.34 -28.32 -49.79
N ASN C 362 4.02 -29.30 -50.64
CA ASN C 362 4.99 -30.01 -51.44
C ASN C 362 6.13 -30.56 -50.59
N PRO C 363 5.91 -31.61 -49.81
CA PRO C 363 7.01 -32.22 -49.08
C PRO C 363 7.97 -32.89 -50.05
N VAL C 364 9.23 -32.93 -49.66
CA VAL C 364 10.27 -33.39 -50.58
C VAL C 364 11.43 -33.96 -49.79
N ILE C 365 12.00 -35.04 -50.29
CA ILE C 365 13.21 -35.62 -49.73
C ILE C 365 14.40 -35.11 -50.52
N THR C 366 15.39 -34.56 -49.83
CA THR C 366 16.59 -34.05 -50.51
C THR C 366 17.82 -34.88 -50.21
N GLU C 367 17.99 -35.28 -48.96
CA GLU C 367 19.08 -36.17 -48.56
C GLU C 367 19.06 -37.42 -49.43
N SER C 368 20.23 -37.78 -49.97
CA SER C 368 20.33 -38.89 -50.90
C SER C 368 20.95 -40.13 -50.28
N THR C 369 21.18 -40.13 -48.97
CA THR C 369 21.60 -41.36 -48.30
C THR C 369 20.39 -42.27 -48.09
N GLU C 370 20.64 -43.47 -47.58
CA GLU C 370 19.58 -44.47 -47.58
C GLU C 370 18.55 -44.24 -46.48
N ASN C 371 18.95 -43.57 -45.39
CA ASN C 371 18.03 -43.34 -44.26
C ASN C 371 17.90 -41.84 -44.03
N SER C 372 16.99 -41.21 -44.75
CA SER C 372 16.82 -39.76 -44.74
C SER C 372 15.47 -39.43 -44.12
N LYS C 373 15.48 -38.92 -42.89
CA LYS C 373 14.23 -38.61 -42.22
C LYS C 373 13.67 -37.29 -42.71
N MET C 374 12.36 -37.12 -42.54
CA MET C 374 11.67 -35.91 -42.96
C MET C 374 10.38 -35.80 -42.16
N MET C 375 9.95 -34.57 -41.91
CA MET C 375 8.82 -34.31 -41.02
C MET C 375 7.78 -33.51 -41.75
N LEU C 376 6.56 -34.02 -41.83
CA LEU C 376 5.45 -33.38 -42.50
C LEU C 376 4.52 -32.73 -41.47
N GLU C 377 3.40 -32.23 -41.96
CA GLU C 377 2.31 -31.79 -41.10
C GLU C 377 1.05 -31.73 -41.93
N LEU C 378 0.04 -32.49 -41.54
CA LEU C 378 -1.22 -32.58 -42.26
C LEU C 378 -2.32 -31.93 -41.43
N ASP C 379 -3.50 -31.82 -42.03
CA ASP C 379 -4.67 -31.24 -41.39
C ASP C 379 -5.84 -32.16 -41.68
N PRO C 380 -6.07 -33.17 -40.84
CA PRO C 380 -7.02 -34.23 -41.19
C PRO C 380 -8.44 -33.71 -41.28
N PRO C 381 -9.36 -34.49 -41.82
CA PRO C 381 -10.77 -34.15 -41.76
C PRO C 381 -11.36 -34.61 -40.43
N PHE C 382 -12.50 -34.02 -40.09
CA PHE C 382 -13.18 -34.36 -38.85
C PHE C 382 -13.72 -35.78 -38.94
N GLY C 383 -13.34 -36.61 -37.99
CA GLY C 383 -13.69 -38.00 -38.00
C GLY C 383 -12.47 -38.86 -38.23
N ASP C 384 -12.70 -40.16 -38.38
CA ASP C 384 -11.62 -41.10 -38.60
C ASP C 384 -11.22 -41.12 -40.08
N SER C 385 -9.92 -41.33 -40.32
CA SER C 385 -9.36 -41.32 -41.66
C SER C 385 -7.98 -41.93 -41.61
N TYR C 386 -7.43 -42.22 -42.79
CA TYR C 386 -6.14 -42.88 -42.93
C TYR C 386 -5.12 -41.92 -43.48
N ILE C 387 -3.85 -42.16 -43.14
CA ILE C 387 -2.74 -41.33 -43.60
C ILE C 387 -1.90 -42.19 -44.52
N VAL C 388 -2.13 -42.08 -45.82
CA VAL C 388 -1.42 -42.90 -46.80
C VAL C 388 -0.16 -42.18 -47.25
N ILE C 389 0.98 -42.83 -47.08
CA ILE C 389 2.26 -42.25 -47.47
C ILE C 389 2.99 -43.23 -48.37
N GLY C 390 2.83 -43.09 -49.68
CA GLY C 390 3.50 -43.94 -50.63
C GLY C 390 2.60 -44.28 -51.81
N VAL C 391 3.19 -45.00 -52.75
CA VAL C 391 2.48 -45.42 -53.96
C VAL C 391 2.81 -46.88 -54.22
N GLY C 392 1.82 -47.61 -54.74
CA GLY C 392 1.99 -49.01 -55.03
C GLY C 392 1.36 -49.88 -53.96
N ASP C 393 2.08 -50.93 -53.57
CA ASP C 393 1.62 -51.83 -52.53
C ASP C 393 2.46 -51.78 -51.27
N LYS C 394 3.64 -51.16 -51.33
CA LYS C 394 4.49 -50.95 -50.17
C LYS C 394 4.21 -49.62 -49.49
N LYS C 395 3.00 -49.10 -49.63
CA LYS C 395 2.62 -47.86 -48.96
C LYS C 395 2.25 -48.15 -47.52
N ILE C 396 2.63 -47.23 -46.64
CA ILE C 396 2.33 -47.35 -45.22
C ILE C 396 1.07 -46.55 -44.93
N THR C 397 0.30 -47.00 -43.97
CA THR C 397 -0.95 -46.37 -43.58
C THR C 397 -0.97 -46.21 -42.07
N HIS C 398 -1.82 -45.30 -41.59
CA HIS C 398 -1.95 -45.04 -40.17
C HIS C 398 -3.35 -44.52 -39.91
N HIS C 399 -4.07 -45.17 -39.01
CA HIS C 399 -5.41 -44.73 -38.69
C HIS C 399 -5.35 -43.49 -37.81
N TRP C 400 -6.07 -42.45 -38.20
CA TRP C 400 -6.13 -41.24 -37.42
C TRP C 400 -7.58 -40.87 -37.16
N HIS C 401 -7.86 -40.38 -35.96
CA HIS C 401 -9.20 -39.95 -35.57
C HIS C 401 -9.10 -38.56 -34.99
N ARG C 402 -9.58 -37.57 -35.73
CA ARG C 402 -9.57 -36.17 -35.28
C ARG C 402 -10.89 -35.87 -34.58
N SER C 403 -10.85 -35.78 -33.26
CA SER C 403 -12.06 -35.55 -32.48
C SER C 403 -12.45 -34.09 -32.55
N GLY C 404 -13.68 -33.83 -32.95
CA GLY C 404 -14.18 -32.47 -33.00
C GLY C 404 -15.35 -32.36 -33.95
N SER C 405 -15.61 -31.13 -34.36
CA SER C 405 -16.70 -30.84 -35.30
C SER C 405 -16.45 -29.48 -35.92
N THR C 406 -17.10 -29.22 -37.05
CA THR C 406 -16.92 -27.93 -37.71
C THR C 406 -17.51 -26.80 -36.88
N ILE C 407 -18.59 -27.08 -36.14
CA ILE C 407 -19.15 -26.07 -35.25
C ILE C 407 -18.16 -25.73 -34.15
N GLY C 408 -17.51 -26.76 -33.59
CA GLY C 408 -16.45 -26.50 -32.62
C GLY C 408 -15.30 -25.73 -33.22
N LYS C 409 -14.92 -26.06 -34.45
CA LYS C 409 -13.93 -25.27 -35.18
C LYS C 409 -14.30 -23.80 -35.22
N ALA C 410 -15.55 -23.51 -35.61
CA ALA C 410 -15.97 -22.12 -35.77
C ALA C 410 -16.02 -21.39 -34.44
N PHE C 411 -16.51 -22.05 -33.39
CA PHE C 411 -16.54 -21.41 -32.08
C PHE C 411 -15.14 -21.20 -31.53
N GLU C 412 -14.26 -22.17 -31.72
CA GLU C 412 -12.87 -22.02 -31.29
C GLU C 412 -12.21 -20.84 -32.01
N ALA C 413 -12.42 -20.74 -33.32
CA ALA C 413 -11.84 -19.64 -34.07
C ALA C 413 -12.43 -18.30 -33.65
N THR C 414 -13.72 -18.29 -33.30
CA THR C 414 -14.32 -17.04 -32.83
C THR C 414 -13.74 -16.61 -31.49
N VAL C 415 -13.52 -17.56 -30.58
CA VAL C 415 -12.90 -17.22 -29.30
C VAL C 415 -11.47 -16.75 -29.52
N ARG C 416 -10.74 -17.41 -30.43
CA ARG C 416 -9.39 -16.94 -30.77
C ARG C 416 -9.41 -15.51 -31.26
N GLY C 417 -10.32 -15.19 -32.19
CA GLY C 417 -10.39 -13.85 -32.72
C GLY C 417 -10.79 -12.82 -31.68
N ALA C 418 -11.69 -13.20 -30.78
CA ALA C 418 -12.09 -12.29 -29.71
C ALA C 418 -10.93 -12.00 -28.77
N LYS C 419 -10.16 -13.03 -28.41
CA LYS C 419 -8.99 -12.78 -27.57
C LYS C 419 -7.99 -11.89 -28.28
N ARG C 420 -7.75 -12.13 -29.57
CA ARG C 420 -6.83 -11.28 -30.31
C ARG C 420 -7.34 -9.85 -30.37
N MET C 421 -8.65 -9.65 -30.46
CA MET C 421 -9.19 -8.31 -30.52
C MET C 421 -9.15 -7.63 -29.16
N ALA C 422 -9.24 -8.39 -28.08
CA ALA C 422 -9.13 -7.80 -26.75
C ALA C 422 -7.68 -7.49 -26.39
N VAL C 423 -6.73 -8.19 -26.99
CA VAL C 423 -5.32 -7.94 -26.69
C VAL C 423 -4.76 -6.83 -27.59
N LEU C 424 -4.84 -7.01 -28.90
CA LEU C 424 -4.28 -6.04 -29.83
C LEU C 424 -5.16 -4.80 -29.95
N GLY C 425 -6.47 -4.99 -29.92
CA GLY C 425 -7.38 -3.87 -29.97
C GLY C 425 -7.73 -3.43 -31.36
N ASP C 426 -7.07 -2.38 -31.85
CA ASP C 426 -7.35 -1.87 -33.18
C ASP C 426 -6.67 -2.69 -34.25
N THR C 427 -5.39 -3.02 -34.06
CA THR C 427 -4.60 -3.72 -35.05
C THR C 427 -5.10 -5.15 -35.30
N ALA C 428 -6.07 -5.63 -34.53
CA ALA C 428 -6.59 -6.96 -34.76
C ALA C 428 -7.34 -7.09 -36.07
N TRP C 429 -7.61 -5.97 -36.75
CA TRP C 429 -8.25 -6.00 -38.05
C TRP C 429 -7.26 -6.13 -39.18
N ASP C 430 -5.97 -6.23 -38.88
CA ASP C 430 -4.92 -6.38 -39.86
C ASP C 430 -4.18 -7.69 -39.71
N PHE C 431 -4.88 -8.75 -39.29
CA PHE C 431 -4.15 -9.99 -39.04
C PHE C 431 -4.10 -10.91 -40.24
N GLY C 432 -5.12 -10.94 -41.07
CA GLY C 432 -5.06 -11.76 -42.26
C GLY C 432 -5.53 -10.96 -43.44
N SER C 433 -5.75 -9.67 -43.20
CA SER C 433 -6.38 -8.81 -44.19
C SER C 433 -5.53 -8.72 -45.45
N VAL C 434 -6.21 -8.61 -46.58
CA VAL C 434 -5.58 -8.34 -47.86
C VAL C 434 -6.02 -7.00 -48.43
N GLY C 435 -6.72 -6.20 -47.64
CA GLY C 435 -7.30 -4.97 -48.14
C GLY C 435 -8.75 -5.18 -48.48
N GLY C 436 -9.56 -4.14 -48.37
CA GLY C 436 -10.96 -4.24 -48.76
C GLY C 436 -11.71 -3.02 -48.28
N VAL C 437 -13.05 -3.14 -48.33
CA VAL C 437 -13.92 -2.13 -47.76
C VAL C 437 -14.52 -2.59 -46.45
N PHE C 438 -14.11 -3.75 -45.96
CA PHE C 438 -14.45 -4.21 -44.62
C PHE C 438 -13.27 -4.25 -43.68
N ASN C 439 -12.18 -4.92 -44.08
CA ASN C 439 -10.97 -4.92 -43.25
C ASN C 439 -10.22 -3.61 -43.32
N SER C 440 -10.82 -2.56 -43.88
CA SER C 440 -10.27 -1.22 -43.84
C SER C 440 -11.26 -0.18 -43.38
N LEU C 441 -12.55 -0.45 -43.46
CA LEU C 441 -13.54 0.46 -42.90
C LEU C 441 -13.92 0.06 -41.48
N GLY C 442 -14.13 -1.23 -41.24
CA GLY C 442 -14.31 -1.72 -39.89
C GLY C 442 -13.16 -1.33 -38.98
N LYS C 443 -11.94 -1.28 -39.51
CA LYS C 443 -10.82 -0.82 -38.70
C LYS C 443 -10.98 0.65 -38.31
N GLY C 444 -11.54 1.48 -39.21
CA GLY C 444 -11.78 2.86 -38.85
C GLY C 444 -12.83 2.99 -37.75
N ILE C 445 -13.92 2.25 -37.87
CA ILE C 445 -14.96 2.32 -36.83
C ILE C 445 -14.42 1.80 -35.50
N HIS C 446 -13.66 0.71 -35.54
CA HIS C 446 -13.06 0.16 -34.33
C HIS C 446 -12.03 1.12 -33.75
N GLN C 447 -11.34 1.88 -34.59
CA GLN C 447 -10.39 2.87 -34.09
C GLN C 447 -11.10 4.01 -33.39
N ILE C 448 -12.22 4.46 -33.94
CA ILE C 448 -13.02 5.51 -33.30
C ILE C 448 -13.52 5.02 -31.94
N PHE C 449 -14.11 3.82 -31.91
CA PHE C 449 -14.59 3.29 -30.63
C PHE C 449 -13.43 3.11 -29.65
N GLY C 450 -12.27 2.69 -30.14
CA GLY C 450 -11.14 2.47 -29.26
C GLY C 450 -10.62 3.75 -28.64
N ALA C 451 -10.54 4.81 -29.43
CA ALA C 451 -10.14 6.10 -28.87
C ALA C 451 -11.17 6.61 -27.87
N ALA C 452 -12.45 6.55 -28.23
CA ALA C 452 -13.50 7.05 -27.35
C ALA C 452 -13.73 6.15 -26.13
N PHE C 453 -13.16 4.96 -26.10
CA PHE C 453 -13.24 4.09 -24.95
C PHE C 453 -11.99 4.11 -24.08
N LYS C 454 -10.81 4.22 -24.68
CA LYS C 454 -9.60 4.35 -23.90
C LYS C 454 -9.45 5.75 -23.34
N SER C 455 -10.16 6.73 -23.89
CA SER C 455 -10.19 8.05 -23.27
C SER C 455 -11.32 8.18 -22.26
N LEU C 456 -12.38 7.40 -22.39
CA LEU C 456 -13.50 7.51 -21.47
C LEU C 456 -13.24 6.71 -20.20
N PHE C 457 -13.16 5.39 -20.31
CA PHE C 457 -12.88 4.58 -19.13
C PHE C 457 -11.38 4.53 -18.86
N GLY C 458 -10.64 3.81 -19.70
CA GLY C 458 -9.21 3.98 -19.86
C GLY C 458 -8.35 3.97 -18.62
N GLY C 459 -8.96 3.85 -17.46
CA GLY C 459 -8.22 4.02 -16.21
C GLY C 459 -8.72 3.12 -15.11
N MET C 460 -9.40 2.06 -15.47
CA MET C 460 -9.95 1.13 -14.50
C MET C 460 -9.17 -0.18 -14.53
N SER C 461 -9.10 -0.84 -13.39
CA SER C 461 -8.41 -2.11 -13.28
C SER C 461 -9.40 -3.24 -13.57
N TRP C 462 -8.94 -4.48 -13.37
CA TRP C 462 -9.79 -5.63 -13.61
C TRP C 462 -11.01 -5.63 -12.71
N PHE C 463 -10.81 -5.40 -11.41
CA PHE C 463 -11.93 -5.44 -10.48
C PHE C 463 -12.92 -4.34 -10.75
N SER C 464 -12.44 -3.11 -10.94
CA SER C 464 -13.34 -2.00 -11.19
C SER C 464 -14.06 -2.15 -12.53
N GLN C 465 -13.41 -2.75 -13.52
CA GLN C 465 -14.11 -3.02 -14.77
C GLN C 465 -15.25 -3.99 -14.55
N ILE C 466 -15.02 -5.06 -13.80
CA ILE C 466 -16.10 -5.97 -13.46
C ILE C 466 -17.22 -5.24 -12.75
N LEU C 467 -16.87 -4.37 -11.79
CA LEU C 467 -17.89 -3.64 -11.04
C LEU C 467 -18.75 -2.78 -11.95
N ILE C 468 -18.13 -1.89 -12.71
CA ILE C 468 -18.90 -0.99 -13.57
C ILE C 468 -19.58 -1.76 -14.70
N GLY C 469 -19.07 -2.92 -15.08
CA GLY C 469 -19.75 -3.73 -16.06
C GLY C 469 -21.06 -4.29 -15.54
N THR C 470 -21.04 -4.80 -14.32
CA THR C 470 -22.30 -5.24 -13.71
C THR C 470 -23.26 -4.07 -13.53
N LEU C 471 -22.75 -2.92 -13.10
CA LEU C 471 -23.61 -1.76 -12.92
C LEU C 471 -24.26 -1.36 -14.24
N LEU C 472 -23.48 -1.36 -15.33
CA LEU C 472 -24.02 -0.95 -16.61
C LEU C 472 -24.98 -1.99 -17.19
N VAL C 473 -24.70 -3.28 -17.00
CA VAL C 473 -25.64 -4.29 -17.49
C VAL C 473 -26.95 -4.21 -16.72
N TRP C 474 -26.89 -3.83 -15.44
CA TRP C 474 -28.15 -3.67 -14.72
C TRP C 474 -28.87 -2.40 -15.14
N LEU C 475 -28.13 -1.34 -15.45
CA LEU C 475 -28.77 -0.16 -16.03
C LEU C 475 -29.33 -0.46 -17.42
N GLY C 476 -28.84 -1.51 -18.07
CA GLY C 476 -29.40 -1.89 -19.36
C GLY C 476 -30.67 -2.70 -19.21
N LEU C 477 -30.67 -3.70 -18.33
CA LEU C 477 -31.88 -4.49 -18.13
C LEU C 477 -33.01 -3.70 -17.48
N ASN C 478 -32.77 -2.46 -17.06
CA ASN C 478 -33.83 -1.58 -16.57
C ASN C 478 -33.76 -0.28 -17.37
N THR C 479 -34.59 0.68 -16.98
CA THR C 479 -34.60 2.02 -17.58
C THR C 479 -34.78 1.91 -19.11
N LYS C 480 -35.95 1.39 -19.47
CA LYS C 480 -36.25 1.12 -20.88
C LYS C 480 -36.32 2.41 -21.69
N ASN C 481 -35.45 2.51 -22.68
CA ASN C 481 -35.28 3.73 -23.48
C ASN C 481 -34.41 3.35 -24.67
N GLY C 482 -34.04 4.35 -25.47
CA GLY C 482 -33.11 4.12 -26.57
C GLY C 482 -31.67 3.99 -26.12
N SER C 483 -31.35 4.48 -24.92
CA SER C 483 -30.02 4.34 -24.33
C SER C 483 -29.94 3.10 -23.45
N ILE C 484 -30.28 1.96 -24.05
CA ILE C 484 -30.12 0.67 -23.40
C ILE C 484 -29.12 -0.22 -24.13
N SER C 485 -29.17 -0.27 -25.46
CA SER C 485 -28.08 -0.87 -26.20
C SER C 485 -26.77 -0.17 -25.90
N LEU C 486 -26.82 1.12 -25.59
CA LEU C 486 -25.61 1.86 -25.26
C LEU C 486 -25.02 1.42 -23.92
N THR C 487 -25.86 1.05 -22.96
CA THR C 487 -25.36 0.57 -21.67
C THR C 487 -25.27 -0.94 -21.61
N CYS C 488 -25.58 -1.64 -22.69
CA CYS C 488 -25.26 -3.05 -22.79
C CYS C 488 -24.03 -3.34 -23.65
N LEU C 489 -23.80 -2.57 -24.71
CA LEU C 489 -22.54 -2.69 -25.42
C LEU C 489 -21.39 -2.25 -24.55
N ALA C 490 -21.62 -1.27 -23.67
CA ALA C 490 -20.65 -0.90 -22.65
C ALA C 490 -20.68 -1.87 -21.46
N LEU C 491 -21.45 -2.94 -21.54
CA LEU C 491 -21.25 -4.09 -20.66
C LEU C 491 -20.36 -5.11 -21.33
N GLY C 492 -20.56 -5.33 -22.63
CA GLY C 492 -19.70 -6.25 -23.35
C GLY C 492 -18.26 -5.76 -23.40
N GLY C 493 -18.08 -4.54 -23.90
CA GLY C 493 -16.74 -3.97 -24.01
C GLY C 493 -16.03 -3.81 -22.69
N VAL C 494 -16.67 -4.18 -21.58
CA VAL C 494 -16.04 -4.11 -20.27
C VAL C 494 -15.96 -5.48 -19.61
N MET C 495 -16.77 -6.45 -20.02
CA MET C 495 -16.60 -7.80 -19.51
C MET C 495 -15.63 -8.61 -20.37
N ILE C 496 -15.79 -8.60 -21.69
CA ILE C 496 -14.87 -9.36 -22.52
C ILE C 496 -13.49 -8.70 -22.56
N PHE C 497 -13.42 -7.37 -22.44
CA PHE C 497 -12.11 -6.72 -22.43
C PHE C 497 -11.28 -7.24 -21.27
N LEU C 498 -11.89 -7.33 -20.09
CA LEU C 498 -11.31 -8.09 -18.99
C LEU C 498 -12.38 -8.98 -18.38
N SER C 499 -11.98 -10.20 -18.00
CA SER C 499 -12.64 -11.50 -18.07
C SER C 499 -12.34 -12.29 -19.33
N THR C 500 -11.36 -11.85 -20.13
CA THR C 500 -10.64 -12.77 -21.02
C THR C 500 -9.13 -12.60 -20.83
N ALA C 501 -8.70 -12.61 -19.57
CA ALA C 501 -7.30 -12.46 -19.23
C ALA C 501 -6.80 -13.64 -18.40
N ALA D 1 6.59 7.33 -0.07
CA ALA D 1 5.71 7.74 1.02
C ALA D 1 4.53 6.79 1.13
N VAL D 2 3.36 7.36 1.43
CA VAL D 2 2.17 6.57 1.75
C VAL D 2 1.13 6.61 0.66
N THR D 3 1.37 7.33 -0.44
CA THR D 3 0.39 7.49 -1.49
C THR D 3 0.93 6.96 -2.83
N LEU D 4 1.54 5.79 -2.82
CA LEU D 4 2.10 5.25 -4.06
C LEU D 4 0.98 4.88 -5.02
N PRO D 5 1.01 5.39 -6.25
CA PRO D 5 -0.11 5.14 -7.16
C PRO D 5 0.05 3.82 -7.88
N SER D 6 -1.06 3.10 -8.02
CA SER D 6 -1.00 1.78 -8.62
C SER D 6 -0.91 1.87 -10.14
N HIS D 7 -0.21 0.91 -10.72
CA HIS D 7 -0.05 0.80 -12.16
C HIS D 7 -1.12 -0.10 -12.80
N SER D 8 -1.90 -0.83 -12.00
CA SER D 8 -2.97 -1.61 -12.56
C SER D 8 -3.98 -0.76 -13.32
N THR D 9 -3.97 0.55 -13.09
CA THR D 9 -4.80 1.44 -13.89
C THR D 9 -4.31 1.52 -15.32
N ARG D 10 -3.00 1.57 -15.51
CA ARG D 10 -2.39 1.73 -16.82
C ARG D 10 -1.68 0.47 -17.28
N LYS D 11 -2.12 -0.69 -16.78
CA LYS D 11 -1.47 -1.94 -17.13
C LYS D 11 -1.28 -2.08 -18.63
N LEU D 12 -0.12 -2.58 -19.02
CA LEU D 12 0.22 -2.76 -20.43
C LEU D 12 -0.41 -4.05 -20.92
N GLN D 13 -1.37 -3.94 -21.82
CA GLN D 13 -2.13 -5.10 -22.29
C GLN D 13 -1.34 -5.76 -23.41
N THR D 14 -0.72 -6.89 -23.12
CA THR D 14 -0.04 -7.69 -24.13
C THR D 14 -0.41 -9.15 -23.98
N ARG D 15 0.26 -10.02 -24.75
CA ARG D 15 -0.01 -11.44 -24.68
C ARG D 15 0.64 -12.09 -23.47
N SER D 16 1.65 -11.45 -22.90
CA SER D 16 2.42 -12.04 -21.81
C SER D 16 1.85 -11.63 -20.46
N GLN D 17 2.47 -12.13 -19.40
CA GLN D 17 2.03 -11.83 -18.04
C GLN D 17 2.57 -10.48 -17.59
N THR D 18 1.77 -9.77 -16.81
CA THR D 18 2.20 -8.52 -16.22
C THR D 18 3.02 -8.84 -14.98
N TRP D 19 3.32 -7.83 -14.15
CA TRP D 19 4.26 -8.05 -13.06
C TRP D 19 3.68 -8.97 -12.00
N LEU D 20 2.59 -8.56 -11.37
CA LEU D 20 1.94 -9.39 -10.36
C LEU D 20 0.54 -9.69 -10.86
N GLU D 21 0.42 -10.73 -11.68
CA GLU D 21 -0.87 -11.05 -12.28
C GLU D 21 -1.68 -12.00 -11.43
N SER D 22 -1.06 -13.06 -10.91
CA SER D 22 -1.78 -14.03 -10.12
C SER D 22 -2.36 -13.43 -8.86
N ARG D 23 -1.76 -12.35 -8.37
CA ARG D 23 -2.18 -11.71 -7.13
C ARG D 23 -3.12 -10.54 -7.36
N GLU D 24 -3.66 -10.39 -8.57
CA GLU D 24 -4.45 -9.22 -8.88
C GLU D 24 -5.94 -9.47 -8.86
N TYR D 25 -6.36 -10.73 -8.86
CA TYR D 25 -7.79 -11.02 -8.82
C TYR D 25 -8.30 -11.06 -7.38
N THR D 26 -7.65 -11.85 -6.55
CA THR D 26 -8.04 -11.99 -5.14
C THR D 26 -7.21 -11.07 -4.27
N LYS D 27 -7.28 -9.77 -4.56
CA LYS D 27 -6.62 -8.77 -3.73
C LYS D 27 -7.62 -7.82 -3.09
N HIS D 28 -8.44 -7.14 -3.88
CA HIS D 28 -9.44 -6.26 -3.29
C HIS D 28 -10.53 -7.06 -2.60
N LEU D 29 -10.83 -8.26 -3.10
CA LEU D 29 -11.77 -9.12 -2.40
C LEU D 29 -11.21 -9.55 -1.05
N ILE D 30 -9.91 -9.85 -0.98
CA ILE D 30 -9.30 -10.20 0.28
C ILE D 30 -9.39 -9.03 1.26
N LYS D 31 -9.07 -7.82 0.79
CA LYS D 31 -9.14 -6.66 1.67
C LYS D 31 -10.56 -6.43 2.17
N VAL D 32 -11.55 -6.50 1.28
CA VAL D 32 -12.92 -6.25 1.68
C VAL D 32 -13.41 -7.29 2.67
N GLU D 33 -13.16 -8.57 2.39
CA GLU D 33 -13.59 -9.62 3.31
C GLU D 33 -12.91 -9.49 4.65
N ASN D 34 -11.61 -9.15 4.67
CA ASN D 34 -10.92 -8.99 5.93
C ASN D 34 -11.52 -7.86 6.76
N TRP D 35 -11.73 -6.71 6.14
CA TRP D 35 -12.28 -5.59 6.90
C TRP D 35 -13.69 -5.90 7.40
N ILE D 36 -14.52 -6.54 6.57
CA ILE D 36 -15.88 -6.82 6.99
C ILE D 36 -15.90 -7.86 8.09
N PHE D 37 -15.04 -8.87 8.01
CA PHE D 37 -14.99 -9.87 9.07
C PHE D 37 -14.46 -9.28 10.37
N ARG D 38 -13.59 -8.29 10.28
CA ARG D 38 -13.09 -7.67 11.51
C ARG D 38 -14.11 -6.74 12.14
N ASN D 39 -14.87 -6.00 11.32
CA ASN D 39 -15.86 -5.05 11.82
C ASN D 39 -17.24 -5.46 11.34
N PRO D 40 -17.86 -6.45 11.98
CA PRO D 40 -19.18 -6.90 11.52
C PRO D 40 -20.28 -5.92 11.83
N GLY D 41 -20.08 -5.05 12.82
CA GLY D 41 -21.14 -4.14 13.21
C GLY D 41 -21.48 -3.13 12.14
N PHE D 42 -20.54 -2.83 11.24
CA PHE D 42 -20.80 -1.82 10.23
C PHE D 42 -21.71 -2.31 9.13
N THR D 43 -21.90 -3.62 9.00
CA THR D 43 -22.81 -4.12 7.98
C THR D 43 -24.22 -3.59 8.20
N LEU D 44 -24.68 -3.60 9.44
CA LEU D 44 -26.03 -3.13 9.69
C LEU D 44 -26.12 -1.62 9.59
N VAL D 45 -25.02 -0.89 9.82
CA VAL D 45 -25.04 0.55 9.57
C VAL D 45 -25.18 0.81 8.08
N ALA D 46 -24.45 0.07 7.26
CA ALA D 46 -24.59 0.22 5.81
C ALA D 46 -25.99 -0.13 5.37
N VAL D 47 -26.56 -1.19 5.93
CA VAL D 47 -27.93 -1.57 5.61
C VAL D 47 -28.89 -0.45 5.98
N ALA D 48 -28.74 0.12 7.17
CA ALA D 48 -29.66 1.15 7.62
C ALA D 48 -29.51 2.44 6.84
N ILE D 49 -28.33 2.70 6.30
CA ILE D 49 -28.17 3.91 5.50
C ILE D 49 -28.67 3.70 4.08
N ALA D 50 -28.45 2.52 3.52
CA ALA D 50 -28.95 2.23 2.17
C ALA D 50 -30.47 2.15 2.17
N TRP D 51 -31.04 1.38 3.09
CA TRP D 51 -32.48 1.19 3.23
C TRP D 51 -33.19 2.45 3.70
N LEU D 52 -32.46 3.56 3.81
CA LEU D 52 -33.04 4.86 4.11
C LEU D 52 -32.73 5.91 3.08
N LEU D 53 -31.67 5.73 2.28
CA LEU D 53 -31.36 6.64 1.19
C LEU D 53 -32.06 6.24 -0.10
N GLY D 54 -32.19 4.93 -0.36
CA GLY D 54 -32.75 4.48 -1.61
C GLY D 54 -34.26 4.46 -1.60
N SER D 55 -34.84 4.71 -2.79
CA SER D 55 -36.28 4.73 -2.98
C SER D 55 -36.82 3.38 -3.45
N SER D 56 -36.26 2.83 -4.53
CA SER D 56 -36.67 1.53 -5.03
C SER D 56 -35.80 0.44 -4.42
N THR D 57 -36.33 -0.76 -4.38
CA THR D 57 -35.61 -1.85 -3.75
C THR D 57 -34.41 -2.29 -4.51
N SER D 58 -34.03 -1.63 -5.59
CA SER D 58 -32.80 -1.93 -6.29
C SER D 58 -31.87 -0.73 -6.38
N GLN D 59 -32.22 0.39 -5.77
CA GLN D 59 -31.25 1.40 -5.43
C GLN D 59 -30.73 1.25 -4.01
N LYS D 60 -31.51 0.62 -3.15
CA LYS D 60 -31.02 0.28 -1.82
C LYS D 60 -29.90 -0.75 -1.90
N VAL D 61 -30.01 -1.73 -2.80
CA VAL D 61 -28.96 -2.72 -2.93
C VAL D 61 -27.68 -2.08 -3.48
N ILE D 62 -27.82 -1.19 -4.45
CA ILE D 62 -26.65 -0.53 -5.00
C ILE D 62 -26.00 0.36 -3.96
N TYR D 63 -26.81 1.05 -3.14
CA TYR D 63 -26.25 1.88 -2.08
C TYR D 63 -25.53 1.03 -1.04
N LEU D 64 -26.12 -0.10 -0.67
CA LEU D 64 -25.47 -1.00 0.27
C LEU D 64 -24.14 -1.49 -0.26
N VAL D 65 -24.10 -1.88 -1.53
CA VAL D 65 -22.85 -2.37 -2.12
C VAL D 65 -21.81 -1.26 -2.16
N MET D 66 -22.19 -0.07 -2.60
CA MET D 66 -21.22 1.00 -2.71
C MET D 66 -20.71 1.46 -1.35
N ILE D 67 -21.55 1.40 -0.31
CA ILE D 67 -21.07 1.75 1.02
C ILE D 67 -20.12 0.68 1.54
N LEU D 68 -20.51 -0.59 1.40
CA LEU D 68 -19.65 -1.69 1.83
C LEU D 68 -18.38 -1.80 1.01
N LEU D 69 -18.27 -1.07 -0.09
CA LEU D 69 -16.99 -0.96 -0.79
C LEU D 69 -16.21 0.30 -0.44
N ILE D 70 -16.89 1.42 -0.21
CA ILE D 70 -16.19 2.64 0.17
C ILE D 70 -15.57 2.49 1.55
N ALA D 71 -16.24 1.79 2.45
CA ALA D 71 -15.73 1.71 3.82
C ALA D 71 -14.38 1.00 3.92
N PRO D 72 -14.21 -0.24 3.43
CA PRO D 72 -12.93 -0.93 3.65
C PRO D 72 -11.73 -0.28 2.99
N ALA D 73 -11.92 0.72 2.14
CA ALA D 73 -10.81 1.39 1.48
C ALA D 73 -10.66 2.84 1.90
N TYR D 74 -11.67 3.41 2.57
CA TYR D 74 -11.66 4.82 2.98
C TYR D 74 -11.46 5.71 1.76
N SER D 75 -12.45 5.71 0.88
CA SER D 75 -12.42 6.50 -0.35
C SER D 75 -11.40 5.99 -1.34
#